data_6GHK
#
_entry.id   6GHK
#
_cell.length_a   74.550
_cell.length_b   68.564
_cell.length_c   91.813
_cell.angle_alpha   90.00
_cell.angle_beta   110.95
_cell.angle_gamma   90.00
#
_symmetry.space_group_name_H-M   'P 1 21 1'
#
loop_
_entity.id
_entity.type
_entity.pdbx_description
1 polymer 'Poly [ADP-ribose] polymerase 1'
2 non-polymer ~{N}-[(1~{R})-1-(4-imidazol-1-ylphenyl)ethyl]-3-(4-oxidanylidene-1~{H}-quinazolin-2-yl)propanamide
3 non-polymer 'SULFATE ION'
4 water water
#
_entity_poly.entity_id   1
_entity_poly.type   'polypeptide(L)'
_entity_poly.pdbx_seq_one_letter_code
;MKSKLPKPVQDLIKMIFDVESMKKAMVEYEIDLQKMPLGKLSKRQIQAAYSILSEVQQAVSQGSSDSQILDLSNRFYTLI
PHDFGMKKPPLLNNADSVQAKAEMLDNLLDIEVAYSLLRGGSDDSSKDPIDVNYEKLKTDIKVVDRDSEEAEIIRKYVKN
THATTHNAYDLEVIDIFKIEREGECQRYKPFKQLHNRRLLWHGSRTTNFAGILSQGLRIAPPEAPVTGYMFGKGIYFADM
VSKSANYCHTSQGDPIGLILLGEVALGNMYELKHASHISKLPKGKHSVKGLGKTTPDPSANISLDGVDVPLGTGISSGVN
DTSLLYNEYIVYDIAQVNLKYLLKLKFNFKTAHHHHHH
;
_entity_poly.pdbx_strand_id   A,B
#
loop_
_chem_comp.id
_chem_comp.type
_chem_comp.name
_chem_comp.formula
EZ2 non-polymer ~{N}-[(1~{R})-1-(4-imidazol-1-ylphenyl)ethyl]-3-(4-oxidanylidene-1~{H}-quinazolin-2-yl)propanamide 'C22 H21 N5 O2'
SO4 non-polymer 'SULFATE ION' 'O4 S -2'
#
# COMPACT_ATOMS: atom_id res chain seq x y z
N MET A 1 -2.30 -34.03 10.15
CA MET A 1 -3.64 -33.80 10.67
C MET A 1 -4.55 -33.31 9.55
N LYS A 2 -5.70 -33.97 9.36
CA LYS A 2 -6.63 -33.58 8.32
C LYS A 2 -7.47 -32.40 8.76
N SER A 3 -7.73 -31.49 7.83
CA SER A 3 -8.56 -30.32 8.14
C SER A 3 -9.94 -30.75 8.61
N LYS A 4 -10.46 -30.02 9.59
CA LYS A 4 -11.85 -30.24 10.00
C LYS A 4 -12.78 -29.18 9.41
N LEU A 5 -12.30 -28.40 8.44
CA LEU A 5 -13.17 -27.47 7.73
C LEU A 5 -14.21 -28.23 6.91
N PRO A 6 -15.44 -27.71 6.81
CA PRO A 6 -16.43 -28.36 5.94
C PRO A 6 -15.89 -28.45 4.52
N LYS A 7 -16.33 -29.49 3.80
CA LYS A 7 -15.78 -29.70 2.46
C LYS A 7 -16.04 -28.51 1.52
N PRO A 8 -17.19 -27.84 1.55
CA PRO A 8 -17.33 -26.64 0.70
C PRO A 8 -16.29 -25.55 0.97
N VAL A 9 -15.92 -25.33 2.24
CA VAL A 9 -14.87 -24.37 2.56
C VAL A 9 -13.51 -24.85 2.05
N GLN A 10 -13.21 -26.14 2.25
CA GLN A 10 -11.98 -26.69 1.71
C GLN A 10 -11.93 -26.58 0.19
N ASP A 11 -13.05 -26.92 -0.48
CA ASP A 11 -13.07 -26.86 -1.93
C ASP A 11 -12.87 -25.43 -2.42
N LEU A 12 -13.38 -24.45 -1.67
CA LEU A 12 -13.15 -23.05 -2.01
C LEU A 12 -11.68 -22.67 -1.87
N ILE A 13 -11.03 -23.13 -0.80
CA ILE A 13 -9.62 -22.82 -0.61
C ILE A 13 -8.80 -23.34 -1.79
N LYS A 14 -9.03 -24.58 -2.17
CA LYS A 14 -8.29 -25.17 -3.29
C LYS A 14 -8.56 -24.40 -4.57
N MET A 15 -9.80 -23.99 -4.77
CA MET A 15 -10.19 -23.26 -5.97
C MET A 15 -9.45 -21.94 -6.10
N ILE A 16 -9.36 -21.17 -4.99
CA ILE A 16 -8.82 -19.83 -5.12
C ILE A 16 -7.30 -19.79 -5.02
N PHE A 17 -6.69 -20.82 -4.46
CA PHE A 17 -5.23 -20.87 -4.44
C PHE A 17 -4.67 -21.76 -5.56
N ASP A 18 -5.50 -22.17 -6.51
CA ASP A 18 -5.07 -23.06 -7.60
C ASP A 18 -4.01 -22.41 -8.49
N VAL A 19 -2.81 -22.99 -8.51
CA VAL A 19 -1.70 -22.41 -9.26
C VAL A 19 -1.84 -22.63 -10.77
N GLU A 20 -2.41 -23.75 -11.20
CA GLU A 20 -2.60 -23.94 -12.63
C GLU A 20 -3.58 -22.93 -13.21
N SER A 21 -4.58 -22.49 -12.40
CA SER A 21 -5.48 -21.44 -12.86
C SER A 21 -4.75 -20.12 -13.03
N MET A 22 -3.79 -19.83 -12.15
CA MET A 22 -3.03 -18.59 -12.29
C MET A 22 -2.21 -18.60 -13.57
N LYS A 23 -1.53 -19.73 -13.85
CA LYS A 23 -0.75 -19.83 -15.08
C LYS A 23 -1.63 -19.74 -16.31
N LYS A 24 -2.79 -20.39 -16.27
CA LYS A 24 -3.72 -20.35 -17.38
C LYS A 24 -4.21 -18.93 -17.66
N ALA A 25 -4.49 -18.16 -16.59
CA ALA A 25 -4.89 -16.77 -16.83
C ALA A 25 -3.77 -16.01 -17.53
N MET A 26 -2.52 -16.27 -17.16
CA MET A 26 -1.46 -15.50 -17.79
C MET A 26 -1.25 -15.93 -19.24
N VAL A 27 -1.42 -17.21 -19.55
CA VAL A 27 -1.28 -17.68 -20.94
C VAL A 27 -2.37 -17.06 -21.82
N GLU A 28 -3.62 -17.00 -21.33
CA GLU A 28 -4.69 -16.35 -22.09
C GLU A 28 -4.33 -14.90 -22.40
N TYR A 29 -3.66 -14.23 -21.47
CA TYR A 29 -3.18 -12.88 -21.69
C TYR A 29 -1.94 -12.83 -22.58
N GLU A 30 -1.41 -13.99 -22.97
CA GLU A 30 -0.26 -14.11 -23.85
C GLU A 30 1.03 -13.65 -23.20
N ILE A 31 1.09 -13.69 -21.87
CA ILE A 31 2.32 -13.36 -21.16
C ILE A 31 3.31 -14.51 -21.37
N ASP A 32 4.58 -14.16 -21.51
CA ASP A 32 5.64 -15.15 -21.71
C ASP A 32 6.03 -15.74 -20.36
N LEU A 33 5.58 -16.97 -20.10
CA LEU A 33 5.83 -17.57 -18.79
C LEU A 33 7.28 -17.99 -18.61
N GLN A 34 8.09 -17.97 -19.67
CA GLN A 34 9.50 -18.29 -19.50
C GLN A 34 10.31 -17.06 -19.09
N LYS A 35 10.00 -15.92 -19.66
CA LYS A 35 10.68 -14.71 -19.24
C LYS A 35 10.06 -14.14 -17.96
N MET A 36 8.79 -14.41 -17.72
CA MET A 36 8.05 -13.82 -16.61
C MET A 36 7.21 -14.89 -15.93
N PRO A 37 7.83 -15.82 -15.22
CA PRO A 37 7.06 -16.84 -14.51
C PRO A 37 6.30 -16.27 -13.32
N LEU A 38 5.34 -17.08 -12.84
CA LEU A 38 4.49 -16.70 -11.72
C LEU A 38 5.27 -16.05 -10.58
N GLY A 39 6.34 -16.72 -10.14
CA GLY A 39 7.12 -16.27 -9.00
C GLY A 39 7.93 -15.01 -9.22
N LYS A 40 7.97 -14.47 -10.44
CA LYS A 40 8.72 -13.24 -10.70
C LYS A 40 7.82 -12.01 -10.82
N LEU A 41 6.49 -12.18 -10.79
CA LEU A 41 5.58 -11.06 -10.72
C LEU A 41 5.82 -10.26 -9.46
N SER A 42 5.79 -8.94 -9.57
CA SER A 42 6.01 -8.11 -8.39
C SER A 42 5.06 -6.92 -8.41
N LYS A 43 4.84 -6.35 -7.22
CA LYS A 43 4.01 -5.16 -7.15
C LYS A 43 4.65 -3.98 -7.88
N ARG A 44 5.95 -3.77 -7.71
CA ARG A 44 6.57 -2.60 -8.34
C ARG A 44 6.54 -2.72 -9.85
N GLN A 45 6.75 -3.94 -10.37
CA GLN A 45 6.67 -4.19 -11.80
C GLN A 45 5.30 -3.80 -12.34
N ILE A 46 4.24 -4.24 -11.68
CA ILE A 46 2.90 -3.95 -12.17
C ILE A 46 2.61 -2.45 -12.06
N GLN A 47 3.04 -1.82 -10.96
CA GLN A 47 2.87 -0.37 -10.82
C GLN A 47 3.66 0.38 -11.88
N ALA A 48 4.87 -0.08 -12.15
CA ALA A 48 5.65 0.54 -13.23
C ALA A 48 4.94 0.41 -14.58
N ALA A 49 4.25 -0.72 -14.80
CA ALA A 49 3.52 -0.90 -16.06
C ALA A 49 2.29 0.00 -16.15
N TYR A 50 1.59 0.18 -15.02
CA TYR A 50 0.48 1.13 -14.99
C TYR A 50 0.96 2.53 -15.38
N SER A 51 2.09 2.96 -14.81
CA SER A 51 2.62 4.29 -15.12
C SER A 51 2.91 4.43 -16.60
N ILE A 52 3.45 3.37 -17.22
CA ILE A 52 3.68 3.46 -18.66
C ILE A 52 2.36 3.64 -19.38
N LEU A 53 1.30 2.96 -18.93
CA LEU A 53 0.00 3.15 -19.55
C LEU A 53 -0.51 4.57 -19.32
N SER A 54 -0.24 5.15 -18.15
CA SER A 54 -0.61 6.55 -17.95
C SER A 54 0.18 7.45 -18.88
N GLU A 55 1.45 7.10 -19.18
CA GLU A 55 2.24 7.90 -20.10
C GLU A 55 1.73 7.77 -21.53
N VAL A 56 1.25 6.57 -21.88
CA VAL A 56 0.69 6.37 -23.21
C VAL A 56 -0.59 7.17 -23.37
N GLN A 57 -1.47 7.10 -22.37
CA GLN A 57 -2.70 7.88 -22.32
C GLN A 57 -2.44 9.38 -22.50
N GLN A 58 -1.37 9.89 -21.89
CA GLN A 58 -1.04 11.30 -22.05
C GLN A 58 -0.29 11.60 -23.34
N ALA A 59 0.34 10.58 -23.96
CA ALA A 59 0.96 10.80 -25.26
C ALA A 59 -0.08 10.97 -26.36
N VAL A 60 -1.12 10.15 -26.37
CA VAL A 60 -2.23 10.37 -27.31
C VAL A 60 -2.83 11.74 -27.04
N SER A 61 -3.12 12.09 -25.76
CA SER A 61 -3.75 13.36 -25.42
C SER A 61 -2.92 14.56 -25.93
N GLN A 62 -1.60 14.52 -25.80
CA GLN A 62 -0.75 15.65 -26.18
C GLN A 62 -0.23 15.58 -27.62
N GLY A 63 -0.85 14.74 -28.47
CA GLY A 63 -0.46 14.65 -29.85
C GLY A 63 0.99 14.22 -30.02
N SER A 64 1.38 13.13 -29.37
CA SER A 64 2.73 12.65 -29.52
C SER A 64 2.94 11.96 -30.87
N SER A 65 4.20 11.93 -31.29
CA SER A 65 4.56 11.36 -32.58
C SER A 65 4.65 9.83 -32.49
N ASP A 66 4.66 9.20 -33.66
CA ASP A 66 4.69 7.74 -33.72
C ASP A 66 5.90 7.14 -33.02
N SER A 67 7.07 7.79 -33.14
CA SER A 67 8.27 7.26 -32.50
C SER A 67 8.15 7.35 -30.98
N GLN A 68 7.67 8.49 -30.49
CA GLN A 68 7.44 8.67 -29.06
C GLN A 68 6.59 7.52 -28.50
N ILE A 69 5.47 7.24 -29.17
CA ILE A 69 4.49 6.26 -28.70
C ILE A 69 5.01 4.84 -28.80
N LEU A 70 5.72 4.52 -29.89
CA LEU A 70 6.25 3.16 -30.06
C LEU A 70 7.27 2.82 -28.98
N ASP A 71 8.10 3.79 -28.60
CA ASP A 71 9.08 3.50 -27.56
C ASP A 71 8.41 3.24 -26.21
N LEU A 72 7.31 3.93 -25.91
CA LEU A 72 6.55 3.64 -24.70
C LEU A 72 5.95 2.26 -24.76
N SER A 73 5.36 1.90 -25.91
CA SER A 73 4.80 0.57 -26.15
C SER A 73 5.84 -0.52 -25.91
N ASN A 74 7.06 -0.33 -26.40
CA ASN A 74 8.13 -1.30 -26.19
C ASN A 74 8.61 -1.36 -24.75
N ARG A 75 8.56 -0.24 -24.02
CA ARG A 75 8.90 -0.28 -22.60
C ARG A 75 7.91 -1.15 -21.84
N PHE A 76 6.63 -1.07 -22.19
CA PHE A 76 5.63 -1.89 -21.53
C PHE A 76 5.95 -3.37 -21.71
N TYR A 77 6.27 -3.77 -22.95
CA TYR A 77 6.50 -5.17 -23.25
C TYR A 77 7.85 -5.66 -22.75
N THR A 78 8.79 -4.76 -22.50
CA THR A 78 10.03 -5.18 -21.84
C THR A 78 9.75 -5.47 -20.38
N LEU A 79 8.90 -4.65 -19.77
CA LEU A 79 8.54 -4.80 -18.37
C LEU A 79 7.64 -6.02 -18.15
N ILE A 80 6.62 -6.18 -18.99
CA ILE A 80 5.74 -7.34 -18.91
C ILE A 80 5.92 -8.18 -20.17
N PRO A 81 6.84 -9.14 -20.19
CA PRO A 81 7.13 -9.85 -21.44
C PRO A 81 5.92 -10.67 -21.89
N HIS A 82 5.63 -10.56 -23.19
CA HIS A 82 4.56 -11.26 -23.87
C HIS A 82 5.15 -12.17 -24.94
N ASP A 83 4.41 -13.20 -25.31
CA ASP A 83 4.78 -14.13 -26.37
C ASP A 83 3.62 -14.19 -27.36
N PHE A 84 3.77 -13.45 -28.45
CA PHE A 84 2.76 -13.35 -29.51
C PHE A 84 3.03 -14.31 -30.67
N GLY A 85 4.06 -15.16 -30.58
CA GLY A 85 4.39 -16.09 -31.63
C GLY A 85 4.82 -15.39 -32.89
N MET A 86 4.18 -15.70 -34.01
CA MET A 86 4.48 -14.98 -35.26
C MET A 86 4.08 -13.51 -35.17
N LYS A 87 2.95 -13.23 -34.51
CA LYS A 87 2.33 -11.91 -34.58
C LYS A 87 3.22 -10.82 -33.99
N LYS A 88 3.01 -9.62 -34.49
CA LYS A 88 3.63 -8.41 -33.98
C LYS A 88 2.97 -8.00 -32.66
N PRO A 89 3.73 -7.46 -31.70
CA PRO A 89 3.11 -6.94 -30.48
C PRO A 89 2.17 -5.80 -30.79
N PRO A 90 0.94 -5.85 -30.30
CA PRO A 90 -0.02 -4.76 -30.56
C PRO A 90 0.52 -3.43 -30.05
N LEU A 91 0.34 -2.39 -30.86
CA LEU A 91 0.75 -1.05 -30.48
C LEU A 91 -0.21 -0.42 -29.49
N LEU A 92 0.34 0.11 -28.40
CA LEU A 92 -0.45 0.76 -27.36
C LEU A 92 -0.52 2.21 -27.75
N ASN A 93 -1.48 2.55 -28.62
CA ASN A 93 -1.59 3.89 -29.17
C ASN A 93 -3.01 4.43 -29.16
N ASN A 94 -3.94 3.71 -28.55
CA ASN A 94 -5.33 4.15 -28.49
C ASN A 94 -5.90 3.85 -27.12
N ALA A 95 -6.98 4.55 -26.78
CA ALA A 95 -7.63 4.35 -25.48
C ALA A 95 -8.11 2.91 -25.30
N ASP A 96 -8.49 2.23 -26.39
CA ASP A 96 -8.94 0.85 -26.29
C ASP A 96 -7.79 -0.07 -25.85
N SER A 97 -6.63 0.08 -26.49
CA SER A 97 -5.46 -0.74 -26.15
C SER A 97 -5.05 -0.55 -24.70
N VAL A 98 -4.97 0.70 -24.25
CA VAL A 98 -4.54 0.90 -22.87
C VAL A 98 -5.60 0.41 -21.92
N GLN A 99 -6.88 0.47 -22.30
CA GLN A 99 -7.91 -0.04 -21.40
C GLN A 99 -7.83 -1.56 -21.25
N ALA A 100 -7.45 -2.28 -22.32
CA ALA A 100 -7.29 -3.73 -22.20
C ALA A 100 -6.08 -4.09 -21.36
N LYS A 101 -4.97 -3.38 -21.55
CA LYS A 101 -3.77 -3.66 -20.75
C LYS A 101 -3.97 -3.25 -19.30
N ALA A 102 -4.74 -2.19 -19.05
CA ALA A 102 -5.07 -1.84 -17.67
C ALA A 102 -5.85 -2.95 -16.98
N GLU A 103 -6.84 -3.52 -17.67
CA GLU A 103 -7.63 -4.60 -17.07
C GLU A 103 -6.77 -5.84 -16.84
N MET A 104 -5.85 -6.13 -17.74
CA MET A 104 -4.95 -7.25 -17.51
C MET A 104 -4.07 -7.02 -16.29
N LEU A 105 -3.56 -5.79 -16.11
CA LEU A 105 -2.75 -5.52 -14.92
C LEU A 105 -3.59 -5.62 -13.67
N ASP A 106 -4.86 -5.17 -13.74
CA ASP A 106 -5.74 -5.32 -12.57
C ASP A 106 -5.78 -6.77 -12.12
N ASN A 107 -5.89 -7.70 -13.07
CA ASN A 107 -6.01 -9.11 -12.73
C ASN A 107 -4.66 -9.72 -12.38
N LEU A 108 -3.59 -9.30 -13.06
CA LEU A 108 -2.26 -9.79 -12.70
C LEU A 108 -1.88 -9.42 -11.27
N LEU A 109 -2.34 -8.25 -10.80
CA LEU A 109 -2.07 -7.82 -9.43
C LEU A 109 -2.67 -8.79 -8.41
N ASP A 110 -3.90 -9.25 -8.62
CA ASP A 110 -4.49 -10.18 -7.66
C ASP A 110 -3.85 -11.55 -7.72
N ILE A 111 -3.31 -11.92 -8.88
CA ILE A 111 -2.56 -13.18 -8.97
C ILE A 111 -1.26 -13.08 -8.18
N GLU A 112 -0.58 -11.94 -8.28
CA GLU A 112 0.65 -11.75 -7.51
C GLU A 112 0.36 -11.84 -6.01
N VAL A 113 -0.71 -11.20 -5.55
CA VAL A 113 -1.10 -11.26 -4.14
C VAL A 113 -1.39 -12.70 -3.73
N ALA A 114 -2.15 -13.44 -4.54
CA ALA A 114 -2.50 -14.82 -4.21
C ALA A 114 -1.27 -15.71 -4.14
N TYR A 115 -0.42 -15.64 -5.16
CA TYR A 115 0.74 -16.52 -5.22
C TYR A 115 1.71 -16.20 -4.09
N SER A 116 1.92 -14.92 -3.79
CA SER A 116 2.76 -14.54 -2.65
C SER A 116 2.20 -15.06 -1.35
N LEU A 117 0.89 -14.93 -1.16
CA LEU A 117 0.27 -15.45 0.04
C LEU A 117 0.51 -16.96 0.16
N LEU A 118 0.30 -17.67 -0.95
CA LEU A 118 0.43 -19.12 -0.96
C LEU A 118 1.83 -19.58 -0.64
N ARG A 119 2.85 -18.85 -1.10
CA ARG A 119 4.21 -19.32 -0.88
C ARG A 119 4.83 -18.75 0.39
N GLY A 120 4.27 -17.67 0.94
CA GLY A 120 4.77 -17.12 2.19
C GLY A 120 4.45 -18.02 3.38
N GLY A 121 5.27 -17.88 4.41
CA GLY A 121 5.11 -18.73 5.58
C GLY A 121 5.82 -20.06 5.46
N SER A 122 5.59 -20.87 6.49
CA SER A 122 6.10 -22.23 6.62
C SER A 122 6.03 -23.06 5.35
N SER A 125 4.74 -26.89 9.59
CA SER A 125 4.10 -28.15 9.23
C SER A 125 3.37 -28.82 10.41
N SER A 126 2.91 -30.06 10.14
CA SER A 126 2.06 -30.88 11.01
C SER A 126 0.61 -30.45 10.82
N LYS A 127 0.43 -29.30 10.16
CA LYS A 127 -0.86 -28.69 9.88
C LYS A 127 -1.29 -29.13 8.48
N ASP A 128 -2.59 -29.28 8.26
CA ASP A 128 -3.08 -29.49 6.90
C ASP A 128 -2.86 -28.22 6.08
N PRO A 129 -2.22 -28.31 4.91
CA PRO A 129 -1.99 -27.09 4.11
C PRO A 129 -3.27 -26.33 3.78
N ILE A 130 -4.41 -27.04 3.72
CA ILE A 130 -5.70 -26.39 3.47
C ILE A 130 -6.09 -25.52 4.65
N ASP A 131 -5.78 -25.98 5.88
CA ASP A 131 -6.00 -25.15 7.06
C ASP A 131 -5.01 -24.00 7.12
N VAL A 132 -3.74 -24.24 6.74
CA VAL A 132 -2.74 -23.17 6.74
C VAL A 132 -3.16 -22.05 5.82
N ASN A 133 -3.60 -22.41 4.61
CA ASN A 133 -3.98 -21.41 3.65
C ASN A 133 -5.35 -20.81 3.94
N TYR A 134 -6.25 -21.53 4.58
CA TYR A 134 -7.46 -20.89 5.09
C TYR A 134 -7.10 -19.73 6.01
N GLU A 135 -6.22 -19.98 6.98
CA GLU A 135 -5.88 -18.96 7.96
C GLU A 135 -5.18 -17.76 7.32
N LYS A 136 -4.40 -17.96 6.25
CA LYS A 136 -3.75 -16.84 5.56
C LYS A 136 -4.77 -15.85 5.01
N LEU A 137 -6.00 -16.32 4.72
CA LEU A 137 -7.01 -15.43 4.18
C LEU A 137 -7.52 -14.43 5.22
N LYS A 138 -7.26 -14.69 6.51
CA LYS A 138 -7.71 -13.82 7.60
C LYS A 138 -9.17 -13.46 7.44
N THR A 139 -9.98 -14.47 7.10
CA THR A 139 -11.42 -14.32 6.90
C THR A 139 -12.12 -15.44 7.64
N ASP A 140 -13.16 -15.11 8.37
CA ASP A 140 -14.05 -16.16 8.88
C ASP A 140 -15.00 -16.56 7.75
N ILE A 141 -15.03 -17.84 7.43
CA ILE A 141 -15.84 -18.35 6.30
C ILE A 141 -16.78 -19.43 6.80
N LYS A 142 -18.07 -19.17 6.75
CA LYS A 142 -19.07 -20.13 7.20
C LYS A 142 -19.99 -20.52 6.06
N VAL A 143 -20.44 -21.76 6.07
CA VAL A 143 -21.40 -22.23 5.07
C VAL A 143 -22.80 -21.87 5.52
N VAL A 144 -23.56 -21.21 4.64
CA VAL A 144 -24.95 -20.87 4.97
C VAL A 144 -25.83 -22.06 4.66
N ASP A 145 -26.68 -22.43 5.62
CA ASP A 145 -27.61 -23.53 5.47
C ASP A 145 -28.56 -23.29 4.29
N ARG A 146 -28.64 -24.27 3.40
CA ARG A 146 -29.45 -24.11 2.18
C ARG A 146 -30.91 -23.80 2.49
N ASP A 147 -31.43 -24.30 3.61
CA ASP A 147 -32.84 -24.11 3.94
C ASP A 147 -33.11 -22.89 4.81
N SER A 148 -32.08 -22.11 5.16
CA SER A 148 -32.31 -20.93 5.98
C SER A 148 -33.02 -19.85 5.16
N GLU A 149 -33.51 -18.82 5.86
CA GLU A 149 -34.20 -17.76 5.15
C GLU A 149 -33.22 -16.88 4.38
N GLU A 150 -32.01 -16.70 4.90
CA GLU A 150 -31.01 -15.92 4.15
C GLU A 150 -30.64 -16.64 2.86
N ALA A 151 -30.56 -17.97 2.89
CA ALA A 151 -30.31 -18.71 1.65
C ALA A 151 -31.45 -18.52 0.65
N GLU A 152 -32.69 -18.55 1.13
CA GLU A 152 -33.84 -18.35 0.25
C GLU A 152 -33.87 -16.94 -0.34
N ILE A 153 -33.52 -15.92 0.47
CA ILE A 153 -33.44 -14.56 -0.05
C ILE A 153 -32.33 -14.43 -1.10
N ILE A 154 -31.18 -15.05 -0.84
CA ILE A 154 -30.06 -14.93 -1.77
C ILE A 154 -30.39 -15.62 -3.09
N ARG A 155 -30.97 -16.82 -3.05
CA ARG A 155 -31.40 -17.47 -4.29
C ARG A 155 -32.46 -16.64 -5.01
N LYS A 156 -33.39 -16.01 -4.29
CA LYS A 156 -34.38 -15.17 -4.95
C LYS A 156 -33.74 -13.97 -5.63
N TYR A 157 -32.76 -13.35 -4.96
CA TYR A 157 -31.98 -12.26 -5.54
C TYR A 157 -31.30 -12.70 -6.83
N VAL A 158 -30.71 -13.89 -6.83
CA VAL A 158 -30.06 -14.39 -8.04
C VAL A 158 -31.11 -14.65 -9.12
N LYS A 159 -32.18 -15.34 -8.77
CA LYS A 159 -33.16 -15.78 -9.76
C LYS A 159 -33.90 -14.59 -10.36
N ASN A 160 -34.31 -13.64 -9.51
CA ASN A 160 -35.11 -12.51 -10.00
C ASN A 160 -34.27 -11.58 -10.87
N THR A 161 -33.03 -11.29 -10.47
CA THR A 161 -32.26 -10.31 -11.21
C THR A 161 -31.44 -10.93 -12.34
N HIS A 162 -31.72 -12.17 -12.73
CA HIS A 162 -31.11 -12.78 -13.91
C HIS A 162 -32.16 -13.00 -15.01
N ALA A 163 -31.82 -12.58 -16.24
CA ALA A 163 -32.69 -12.64 -17.42
C ALA A 163 -31.95 -12.15 -18.68
N ASN A 167 -25.77 -13.63 -21.57
CA ASN A 167 -27.20 -13.87 -21.72
C ASN A 167 -27.48 -15.36 -22.01
N ALA A 168 -26.50 -16.09 -22.55
CA ALA A 168 -26.75 -17.50 -22.91
C ALA A 168 -26.41 -18.48 -21.79
N TYR A 169 -26.95 -18.25 -20.59
CA TYR A 169 -26.73 -19.19 -19.51
C TYR A 169 -27.75 -18.94 -18.42
N ASP A 170 -28.00 -19.98 -17.62
CA ASP A 170 -28.76 -19.92 -16.38
C ASP A 170 -27.78 -20.04 -15.23
N LEU A 171 -28.17 -19.51 -14.06
CA LEU A 171 -27.29 -19.51 -12.89
C LEU A 171 -27.84 -20.43 -11.81
N GLU A 172 -26.96 -21.25 -11.25
CA GLU A 172 -27.29 -22.17 -10.17
C GLU A 172 -26.39 -21.88 -8.97
N VAL A 173 -26.99 -21.57 -7.82
CA VAL A 173 -26.20 -21.35 -6.60
C VAL A 173 -25.84 -22.71 -6.01
N ILE A 174 -24.55 -22.99 -5.90
CA ILE A 174 -24.07 -24.24 -5.32
C ILE A 174 -23.85 -24.06 -3.83
N ASP A 175 -23.04 -23.06 -3.44
CA ASP A 175 -22.76 -22.83 -2.02
C ASP A 175 -22.85 -21.36 -1.71
N ILE A 176 -23.35 -21.05 -0.51
CA ILE A 176 -23.41 -19.69 -0.01
C ILE A 176 -22.51 -19.64 1.22
N PHE A 177 -21.53 -18.74 1.19
CA PHE A 177 -20.63 -18.56 2.32
C PHE A 177 -20.90 -17.21 2.96
N LYS A 178 -21.03 -17.21 4.28
CA LYS A 178 -21.05 -16.01 5.10
C LYS A 178 -19.59 -15.67 5.41
N ILE A 179 -19.13 -14.47 5.02
CA ILE A 179 -17.73 -14.12 5.19
C ILE A 179 -17.60 -12.88 6.06
N GLU A 180 -16.50 -12.82 6.82
CA GLU A 180 -16.16 -11.65 7.62
C GLU A 180 -14.65 -11.47 7.57
N ARG A 181 -14.19 -10.48 6.81
CA ARG A 181 -12.77 -10.20 6.73
C ARG A 181 -12.29 -9.58 8.05
N GLU A 182 -11.19 -10.08 8.58
CA GLU A 182 -10.66 -9.54 9.82
C GLU A 182 -10.44 -8.04 9.71
N GLY A 183 -11.00 -7.28 10.66
CA GLY A 183 -10.87 -5.84 10.69
C GLY A 183 -11.86 -5.06 9.84
N GLU A 184 -12.60 -5.71 8.94
CA GLU A 184 -13.44 -4.94 8.01
C GLU A 184 -14.65 -4.31 8.70
N CYS A 185 -15.27 -4.99 9.67
CA CYS A 185 -16.42 -4.40 10.34
C CYS A 185 -16.03 -3.10 11.05
N GLN A 186 -14.91 -3.11 11.78
CA GLN A 186 -14.48 -1.90 12.47
C GLN A 186 -14.17 -0.78 11.48
N ARG A 187 -13.53 -1.11 10.35
CA ARG A 187 -13.24 -0.14 9.30
C ARG A 187 -14.53 0.44 8.70
N TYR A 188 -15.59 -0.37 8.62
CA TYR A 188 -16.84 0.06 8.00
C TYR A 188 -17.71 0.89 8.93
N LYS A 189 -17.59 0.67 10.24
CA LYS A 189 -18.42 1.34 11.24
C LYS A 189 -18.66 2.83 11.00
N PRO A 190 -17.64 3.67 10.71
CA PRO A 190 -17.93 5.10 10.50
C PRO A 190 -18.97 5.34 9.42
N PHE A 191 -19.10 4.43 8.46
CA PHE A 191 -20.05 4.55 7.36
C PHE A 191 -21.34 3.79 7.57
N LYS A 192 -21.45 2.96 8.62
CA LYS A 192 -22.72 2.31 8.92
C LYS A 192 -23.81 3.34 9.17
N GLN A 193 -23.41 4.55 9.52
CA GLN A 193 -24.31 5.65 9.82
C GLN A 193 -24.81 6.34 8.57
N LEU A 194 -24.15 6.12 7.44
CA LEU A 194 -24.58 6.85 6.27
C LEU A 194 -25.92 6.26 5.86
N HIS A 195 -26.74 7.05 5.19
CA HIS A 195 -28.00 6.48 4.75
C HIS A 195 -27.79 5.77 3.41
N ASN A 196 -28.85 5.13 2.91
CA ASN A 196 -28.83 4.47 1.61
C ASN A 196 -27.73 3.38 1.53
N ARG A 197 -27.87 2.38 2.38
CA ARG A 197 -27.01 1.20 2.37
C ARG A 197 -27.70 0.07 1.59
N ARG A 198 -27.02 -0.49 0.60
CA ARG A 198 -27.62 -1.55 -0.21
C ARG A 198 -26.73 -2.78 -0.28
N LEU A 199 -27.36 -3.94 -0.50
CA LEU A 199 -26.67 -5.22 -0.66
C LEU A 199 -26.49 -5.48 -2.16
N LEU A 200 -25.25 -5.41 -2.63
CA LEU A 200 -24.97 -5.35 -4.05
C LEU A 200 -24.03 -6.46 -4.49
N TRP A 201 -24.10 -6.78 -5.79
CA TRP A 201 -23.26 -7.82 -6.37
C TRP A 201 -21.89 -7.27 -6.77
N HIS A 202 -20.87 -8.14 -6.64
CA HIS A 202 -19.56 -7.88 -7.23
C HIS A 202 -18.99 -9.19 -7.73
N GLY A 203 -18.90 -9.33 -9.05
CA GLY A 203 -18.32 -10.51 -9.67
C GLY A 203 -16.89 -10.24 -10.08
N SER A 204 -16.08 -11.30 -10.09
CA SER A 204 -14.68 -11.21 -10.50
C SER A 204 -14.19 -12.61 -10.87
N ARG A 205 -13.03 -12.67 -11.50
CA ARG A 205 -12.42 -13.96 -11.81
C ARG A 205 -12.05 -14.71 -10.55
N THR A 206 -12.07 -16.03 -10.65
CA THR A 206 -11.73 -16.87 -9.52
C THR A 206 -10.30 -16.61 -9.05
N THR A 207 -9.38 -16.27 -9.98
CA THR A 207 -8.00 -15.96 -9.65
C THR A 207 -7.83 -14.66 -8.86
N ASN A 208 -8.90 -13.90 -8.62
CA ASN A 208 -8.80 -12.66 -7.86
C ASN A 208 -9.26 -12.81 -6.42
N PHE A 209 -9.89 -13.94 -6.08
CA PHE A 209 -10.59 -14.03 -4.81
C PHE A 209 -9.68 -14.30 -3.62
N ALA A 210 -8.48 -14.83 -3.82
CA ALA A 210 -7.56 -14.91 -2.68
C ALA A 210 -7.14 -13.51 -2.24
N GLY A 211 -6.87 -12.62 -3.21
CA GLY A 211 -6.57 -11.25 -2.87
C GLY A 211 -7.79 -10.51 -2.32
N ILE A 212 -8.96 -10.75 -2.90
CA ILE A 212 -10.16 -10.06 -2.42
C ILE A 212 -10.45 -10.42 -0.97
N LEU A 213 -10.36 -11.72 -0.62
CA LEU A 213 -10.60 -12.09 0.78
C LEU A 213 -9.48 -11.59 1.69
N SER A 214 -8.23 -11.72 1.24
CA SER A 214 -7.11 -11.30 2.08
C SER A 214 -7.13 -9.79 2.32
N GLN A 215 -7.27 -9.00 1.25
CA GLN A 215 -7.08 -7.54 1.33
C GLN A 215 -8.35 -6.75 1.07
N GLY A 216 -9.45 -7.41 0.75
CA GLY A 216 -10.69 -6.69 0.48
C GLY A 216 -10.70 -6.12 -0.92
N LEU A 217 -11.84 -5.58 -1.30
CA LEU A 217 -11.96 -4.90 -2.58
C LEU A 217 -11.17 -3.59 -2.52
N ARG A 218 -10.33 -3.36 -3.53
CA ARG A 218 -9.42 -2.24 -3.54
C ARG A 218 -9.69 -1.33 -4.73
N ILE A 219 -9.17 -0.15 -4.63
CA ILE A 219 -9.23 0.88 -5.66
C ILE A 219 -7.97 0.77 -6.52
N ALA A 220 -8.08 1.07 -7.80
CA ALA A 220 -6.89 1.09 -8.65
C ALA A 220 -5.87 2.10 -8.10
N PRO A 221 -4.59 1.81 -8.17
CA PRO A 221 -3.55 2.70 -7.59
C PRO A 221 -3.42 4.00 -8.37
N PRO A 222 -2.70 4.99 -7.82
CA PRO A 222 -2.56 6.28 -8.54
C PRO A 222 -1.86 6.16 -9.87
N GLU A 223 -0.92 5.22 -10.01
CA GLU A 223 -0.20 5.07 -11.28
C GLU A 223 -1.10 4.61 -12.43
N ALA A 224 -2.24 3.98 -12.13
CA ALA A 224 -3.07 3.43 -13.18
C ALA A 224 -3.74 4.56 -13.98
N PRO A 225 -3.95 4.37 -15.28
CA PRO A 225 -4.59 5.43 -16.08
C PRO A 225 -6.03 5.66 -15.63
N VAL A 226 -6.38 6.92 -15.38
CA VAL A 226 -7.74 7.19 -14.89
C VAL A 226 -8.77 6.89 -15.98
N THR A 227 -8.35 6.95 -17.26
CA THR A 227 -9.20 6.60 -18.39
C THR A 227 -9.33 5.10 -18.59
N GLY A 228 -8.67 4.29 -17.76
CA GLY A 228 -8.87 2.85 -17.78
C GLY A 228 -10.13 2.40 -17.09
N TYR A 229 -10.83 3.32 -16.41
CA TYR A 229 -11.95 3.02 -15.51
C TYR A 229 -13.13 3.92 -15.84
N MET A 230 -14.21 3.32 -16.36
CA MET A 230 -15.34 4.07 -16.89
C MET A 230 -15.86 5.17 -15.96
N PHE A 231 -15.87 4.92 -14.64
CA PHE A 231 -16.30 5.95 -13.70
C PHE A 231 -15.19 6.32 -12.71
N GLY A 232 -13.93 6.23 -13.13
CA GLY A 232 -12.85 6.58 -12.24
C GLY A 232 -12.44 5.41 -11.37
N LYS A 233 -11.48 5.65 -10.50
CA LYS A 233 -10.89 4.59 -9.68
C LYS A 233 -11.72 4.39 -8.42
N GLY A 234 -12.75 3.57 -8.53
CA GLY A 234 -13.52 3.20 -7.36
C GLY A 234 -13.76 1.72 -7.26
N ILE A 235 -14.70 1.33 -6.41
CA ILE A 235 -15.14 -0.05 -6.29
C ILE A 235 -16.53 -0.14 -6.89
N TYR A 236 -16.70 -1.06 -7.86
CA TYR A 236 -17.90 -1.16 -8.69
C TYR A 236 -18.82 -2.29 -8.23
N PHE A 237 -20.12 -1.99 -8.18
CA PHE A 237 -21.13 -2.97 -7.83
C PHE A 237 -22.30 -2.88 -8.80
N ALA A 238 -23.13 -3.91 -8.79
CA ALA A 238 -24.38 -3.91 -9.54
C ALA A 238 -25.50 -4.37 -8.62
N ASP A 239 -26.74 -3.98 -8.96
CA ASP A 239 -27.94 -4.47 -8.28
C ASP A 239 -28.60 -5.64 -9.03
N MET A 240 -28.00 -6.10 -10.12
CA MET A 240 -28.55 -7.25 -10.86
C MET A 240 -27.45 -8.26 -11.15
N VAL A 241 -27.71 -9.52 -10.79
CA VAL A 241 -26.69 -10.56 -10.87
C VAL A 241 -26.22 -10.75 -12.32
N SER A 242 -27.10 -10.47 -13.29
CA SER A 242 -26.73 -10.58 -14.70
C SER A 242 -25.49 -9.74 -15.02
N LYS A 243 -25.40 -8.53 -14.47
CA LYS A 243 -24.26 -7.67 -14.75
C LYS A 243 -22.98 -8.22 -14.12
N SER A 244 -23.04 -8.54 -12.82
CA SER A 244 -21.85 -8.98 -12.11
C SER A 244 -21.38 -10.35 -12.55
N ALA A 245 -22.32 -11.25 -12.90
CA ALA A 245 -21.94 -12.61 -13.26
C ALA A 245 -21.11 -12.64 -14.54
N ASN A 246 -21.24 -11.62 -15.40
CA ASN A 246 -20.45 -11.60 -16.62
C ASN A 246 -18.98 -11.33 -16.38
N TYR A 247 -18.55 -11.08 -15.13
CA TYR A 247 -17.15 -10.89 -14.79
C TYR A 247 -16.51 -12.14 -14.21
N CYS A 248 -17.30 -13.21 -14.04
CA CYS A 248 -16.79 -14.44 -13.40
C CYS A 248 -15.85 -15.25 -14.28
N HIS A 249 -15.76 -14.95 -15.58
CA HIS A 249 -14.80 -15.59 -16.48
C HIS A 249 -14.92 -17.12 -16.45
N THR A 250 -16.14 -17.60 -16.63
CA THR A 250 -16.42 -19.02 -16.72
C THR A 250 -16.52 -19.43 -18.17
N SER A 251 -16.54 -20.73 -18.39
CA SER A 251 -16.52 -21.27 -19.74
C SER A 251 -17.03 -22.71 -19.71
N GLN A 252 -17.14 -23.30 -20.91
CA GLN A 252 -17.52 -24.71 -21.04
C GLN A 252 -16.60 -25.61 -20.21
N GLY A 253 -15.28 -25.41 -20.33
CA GLY A 253 -14.35 -26.22 -19.56
C GLY A 253 -14.42 -26.00 -18.06
N ASP A 254 -14.67 -24.77 -17.61
CA ASP A 254 -14.75 -24.47 -16.17
C ASP A 254 -15.95 -23.59 -15.88
N PRO A 255 -17.13 -24.19 -15.70
CA PRO A 255 -18.36 -23.42 -15.58
C PRO A 255 -18.70 -22.90 -14.19
N ILE A 256 -17.77 -22.94 -13.24
CA ILE A 256 -18.04 -22.55 -11.87
C ILE A 256 -17.33 -21.24 -11.57
N GLY A 257 -18.08 -20.26 -11.06
CA GLY A 257 -17.52 -18.98 -10.70
C GLY A 257 -17.87 -18.61 -9.27
N LEU A 258 -17.28 -17.50 -8.83
CA LEU A 258 -17.47 -16.93 -7.51
C LEU A 258 -17.97 -15.51 -7.66
N ILE A 259 -18.91 -15.13 -6.80
CA ILE A 259 -19.46 -13.78 -6.82
C ILE A 259 -19.68 -13.32 -5.38
N LEU A 260 -19.56 -12.01 -5.15
CA LEU A 260 -19.71 -11.43 -3.82
C LEU A 260 -21.02 -10.69 -3.67
N LEU A 261 -21.53 -10.69 -2.44
CA LEU A 261 -22.57 -9.75 -2.01
C LEU A 261 -21.94 -8.85 -0.96
N GLY A 262 -21.95 -7.55 -1.20
CA GLY A 262 -21.42 -6.58 -0.26
C GLY A 262 -22.48 -5.59 0.20
N GLU A 263 -22.41 -5.22 1.47
CA GLU A 263 -23.16 -4.06 1.96
C GLU A 263 -22.37 -2.80 1.61
N VAL A 264 -22.99 -1.88 0.88
CA VAL A 264 -22.32 -0.69 0.40
C VAL A 264 -23.05 0.53 0.94
N ALA A 265 -22.33 1.40 1.66
CA ALA A 265 -22.89 2.66 2.17
C ALA A 265 -22.78 3.73 1.09
N LEU A 266 -23.88 3.96 0.37
CA LEU A 266 -23.85 4.83 -0.80
C LEU A 266 -24.07 6.31 -0.49
N GLY A 267 -24.87 6.63 0.53
CA GLY A 267 -25.17 8.03 0.80
C GLY A 267 -25.88 8.69 -0.35
N ASN A 268 -25.50 9.94 -0.63
CA ASN A 268 -26.07 10.68 -1.74
C ASN A 268 -25.40 10.27 -3.04
N MET A 269 -26.19 9.75 -3.97
CA MET A 269 -25.67 9.23 -5.23
C MET A 269 -25.57 10.32 -6.29
N TYR A 270 -24.42 10.37 -6.95
CA TYR A 270 -24.20 11.24 -8.10
C TYR A 270 -24.59 10.43 -9.34
N GLU A 271 -25.73 10.77 -9.93
CA GLU A 271 -26.32 9.95 -10.99
C GLU A 271 -25.81 10.39 -12.35
N LEU A 272 -25.24 9.46 -13.09
CA LEU A 272 -24.66 9.71 -14.39
C LEU A 272 -25.26 8.74 -15.41
N LYS A 273 -25.35 9.21 -16.64
CA LYS A 273 -25.83 8.43 -17.76
C LYS A 273 -24.71 8.00 -18.68
N HIS A 274 -23.54 8.59 -18.53
CA HIS A 274 -22.43 8.35 -19.41
C HIS A 274 -21.14 8.31 -18.59
N ALA A 275 -20.09 7.76 -19.22
CA ALA A 275 -18.78 7.65 -18.59
C ALA A 275 -18.34 8.98 -18.01
N SER A 276 -17.63 8.93 -16.89
CA SER A 276 -17.05 10.12 -16.29
C SER A 276 -15.88 9.66 -15.44
N HIS A 277 -14.67 10.11 -15.77
CA HIS A 277 -13.47 9.64 -15.06
C HIS A 277 -13.29 10.43 -13.77
N ILE A 278 -14.13 10.09 -12.79
CA ILE A 278 -14.11 10.74 -11.49
C ILE A 278 -12.79 10.47 -10.77
N SER A 279 -12.08 11.55 -10.43
CA SER A 279 -11.02 11.50 -9.46
C SER A 279 -11.39 12.16 -8.13
N LYS A 280 -12.48 12.90 -8.08
CA LYS A 280 -13.04 13.37 -6.82
C LYS A 280 -14.52 13.62 -7.02
N LEU A 281 -15.33 13.14 -6.07
CA LEU A 281 -16.77 13.29 -6.15
C LEU A 281 -17.16 14.76 -5.95
N PRO A 282 -18.31 15.18 -6.46
CA PRO A 282 -18.79 16.52 -6.13
C PRO A 282 -19.11 16.61 -4.64
N LYS A 283 -19.02 17.83 -4.12
CA LYS A 283 -19.34 18.07 -2.74
C LYS A 283 -20.79 17.70 -2.44
N GLY A 284 -20.99 16.93 -1.36
CA GLY A 284 -22.29 16.43 -1.00
C GLY A 284 -22.62 15.06 -1.55
N LYS A 285 -21.76 14.48 -2.37
CA LYS A 285 -21.98 13.15 -2.94
C LYS A 285 -21.02 12.14 -2.33
N HIS A 286 -21.54 10.95 -2.00
CA HIS A 286 -20.69 9.89 -1.43
C HIS A 286 -20.50 8.70 -2.37
N SER A 287 -21.19 8.65 -3.50
CA SER A 287 -21.10 7.54 -4.44
C SER A 287 -21.62 7.99 -5.79
N VAL A 288 -21.43 7.13 -6.79
CA VAL A 288 -21.94 7.35 -8.14
C VAL A 288 -22.94 6.25 -8.47
N LYS A 289 -24.06 6.61 -9.09
CA LYS A 289 -24.95 5.62 -9.66
C LYS A 289 -24.97 5.82 -11.18
N GLY A 290 -24.47 4.82 -11.91
CA GLY A 290 -24.65 4.78 -13.35
C GLY A 290 -26.04 4.27 -13.63
N LEU A 291 -26.86 5.08 -14.30
CA LEU A 291 -28.25 4.70 -14.53
C LEU A 291 -28.36 3.75 -15.72
N GLY A 292 -28.99 2.59 -15.48
CA GLY A 292 -29.20 1.62 -16.53
C GLY A 292 -30.62 1.65 -17.07
N LYS A 293 -30.83 1.02 -18.23
CA LYS A 293 -32.17 0.99 -18.79
C LYS A 293 -33.05 -0.01 -18.05
N THR A 294 -32.45 -0.96 -17.32
CA THR A 294 -33.18 -1.95 -16.54
C THR A 294 -32.84 -1.80 -15.06
N THR A 295 -33.85 -1.92 -14.22
CA THR A 295 -33.68 -1.83 -12.79
C THR A 295 -34.58 -2.87 -12.11
N PRO A 296 -34.14 -3.42 -10.98
CA PRO A 296 -35.03 -4.29 -10.22
C PRO A 296 -36.25 -3.53 -9.73
N ASP A 297 -37.41 -4.17 -9.82
CA ASP A 297 -38.69 -3.60 -9.42
C ASP A 297 -38.64 -3.06 -7.99
N PRO A 298 -38.70 -1.74 -7.80
CA PRO A 298 -38.48 -1.18 -6.46
C PRO A 298 -39.62 -1.44 -5.47
N SER A 299 -40.74 -1.99 -5.93
CA SER A 299 -41.82 -2.35 -5.03
C SER A 299 -41.59 -3.70 -4.37
N ALA A 300 -40.55 -4.43 -4.80
CA ALA A 300 -40.25 -5.75 -4.24
C ALA A 300 -39.03 -5.75 -3.33
N ASN A 301 -38.47 -4.57 -3.01
CA ASN A 301 -37.30 -4.49 -2.14
C ASN A 301 -37.60 -5.15 -0.80
N ILE A 302 -36.58 -5.77 -0.20
CA ILE A 302 -36.76 -6.28 1.16
C ILE A 302 -35.58 -5.70 1.92
N SER A 303 -35.62 -5.85 3.24
CA SER A 303 -34.59 -5.40 4.15
C SER A 303 -34.04 -6.61 4.90
N LEU A 304 -32.80 -7.01 4.59
CA LEU A 304 -32.11 -8.09 5.29
C LEU A 304 -31.09 -7.48 6.26
N ASP A 305 -31.37 -7.59 7.56
CA ASP A 305 -30.56 -7.00 8.63
C ASP A 305 -30.27 -5.51 8.40
N GLY A 306 -31.34 -4.74 8.19
CA GLY A 306 -31.23 -3.29 8.08
C GLY A 306 -30.65 -2.78 6.78
N VAL A 307 -30.39 -3.65 5.81
CA VAL A 307 -29.81 -3.27 4.53
C VAL A 307 -30.84 -3.54 3.46
N ASP A 308 -30.98 -2.60 2.52
CA ASP A 308 -31.91 -2.83 1.42
C ASP A 308 -31.35 -3.86 0.45
N VAL A 309 -32.19 -4.81 0.07
CA VAL A 309 -31.85 -5.85 -0.89
C VAL A 309 -32.79 -5.71 -2.07
N PRO A 310 -32.28 -5.18 -3.20
CA PRO A 310 -33.14 -4.93 -4.40
C PRO A 310 -33.34 -6.17 -5.25
N LEU A 311 -34.08 -7.15 -4.75
CA LEU A 311 -34.27 -8.38 -5.51
C LEU A 311 -35.51 -8.38 -6.36
N GLY A 312 -36.10 -7.21 -6.63
CA GLY A 312 -37.21 -7.18 -7.53
C GLY A 312 -36.81 -7.68 -8.91
N THR A 313 -37.78 -8.27 -9.58
CA THR A 313 -37.56 -8.72 -10.94
C THR A 313 -37.28 -7.52 -11.84
N GLY A 314 -36.49 -7.74 -12.87
CA GLY A 314 -36.13 -6.65 -13.77
C GLY A 314 -37.30 -5.99 -14.48
N ILE A 315 -37.42 -4.68 -14.32
CA ILE A 315 -38.38 -3.88 -15.05
C ILE A 315 -37.62 -2.76 -15.72
N SER A 316 -38.27 -2.09 -16.65
CA SER A 316 -37.65 -0.96 -17.32
C SER A 316 -37.61 0.26 -16.40
N SER A 317 -36.47 0.94 -16.41
CA SER A 317 -36.42 2.26 -15.80
C SER A 317 -36.88 3.28 -16.83
N GLY A 318 -37.23 4.45 -16.35
CA GLY A 318 -37.62 5.44 -17.34
C GLY A 318 -36.45 6.10 -18.05
N VAL A 319 -35.24 5.69 -17.73
CA VAL A 319 -34.07 6.46 -18.16
C VAL A 319 -33.84 6.33 -19.66
N ASN A 320 -33.79 7.46 -20.36
CA ASN A 320 -33.45 7.48 -21.77
C ASN A 320 -32.07 8.07 -22.03
N ASP A 321 -31.54 7.69 -23.19
CA ASP A 321 -30.24 8.10 -23.75
C ASP A 321 -29.16 7.79 -22.70
N THR A 322 -29.11 6.52 -22.31
CA THR A 322 -28.08 6.08 -21.40
C THR A 322 -27.32 4.95 -22.06
N SER A 323 -26.02 4.87 -21.77
CA SER A 323 -25.17 3.85 -22.37
C SER A 323 -25.09 2.56 -21.57
N LEU A 324 -25.82 2.44 -20.46
CA LEU A 324 -25.76 1.25 -19.62
C LEU A 324 -27.08 0.50 -19.66
N LEU A 325 -27.00 -0.82 -19.82
CA LEU A 325 -28.20 -1.63 -19.71
C LEU A 325 -28.58 -1.83 -18.25
N TYR A 326 -27.59 -1.94 -17.35
CA TYR A 326 -27.83 -2.20 -15.93
C TYR A 326 -27.26 -1.07 -15.08
N ASN A 327 -27.87 -0.87 -13.90
CA ASN A 327 -27.37 0.10 -12.95
C ASN A 327 -25.97 -0.33 -12.48
N GLU A 328 -25.16 0.66 -12.12
CA GLU A 328 -23.84 0.48 -11.53
C GLU A 328 -23.71 1.43 -10.35
N TYR A 329 -23.06 0.98 -9.29
CA TYR A 329 -22.83 1.78 -8.10
C TYR A 329 -21.35 1.78 -7.80
N ILE A 330 -20.78 2.97 -7.59
CA ILE A 330 -19.33 3.10 -7.41
C ILE A 330 -19.04 3.96 -6.17
N VAL A 331 -18.17 3.45 -5.29
CA VAL A 331 -17.73 4.22 -4.12
C VAL A 331 -16.22 4.37 -4.23
N TYR A 332 -15.72 5.45 -3.65
CA TYR A 332 -14.34 5.87 -3.85
C TYR A 332 -13.54 5.83 -2.57
N ASP A 333 -14.03 5.09 -1.58
CA ASP A 333 -13.36 4.90 -0.30
C ASP A 333 -13.61 3.46 0.10
N ILE A 334 -12.54 2.67 0.24
CA ILE A 334 -12.65 1.24 0.51
C ILE A 334 -13.41 0.96 1.79
N ALA A 335 -13.49 1.93 2.69
CA ALA A 335 -14.17 1.69 3.94
C ALA A 335 -15.68 1.73 3.81
N GLN A 336 -16.22 2.07 2.63
CA GLN A 336 -17.66 2.11 2.39
C GLN A 336 -18.25 0.75 2.06
N VAL A 337 -17.42 -0.29 2.08
CA VAL A 337 -17.82 -1.65 1.67
C VAL A 337 -17.66 -2.58 2.86
N ASN A 338 -18.69 -3.39 3.13
CA ASN A 338 -18.60 -4.48 4.10
C ASN A 338 -19.06 -5.76 3.40
N LEU A 339 -18.10 -6.60 3.02
CA LEU A 339 -18.40 -7.87 2.36
C LEU A 339 -19.17 -8.80 3.29
N LYS A 340 -20.23 -9.42 2.76
CA LYS A 340 -21.13 -10.22 3.57
C LYS A 340 -21.22 -11.67 3.12
N TYR A 341 -21.37 -11.92 1.83
CA TYR A 341 -21.51 -13.28 1.33
C TYR A 341 -20.62 -13.51 0.12
N LEU A 342 -20.21 -14.77 -0.02
CA LEU A 342 -19.49 -15.25 -1.18
C LEU A 342 -20.30 -16.41 -1.74
N LEU A 343 -20.62 -16.36 -3.03
CA LEU A 343 -21.39 -17.43 -3.66
C LEU A 343 -20.54 -18.19 -4.67
N LYS A 344 -20.66 -19.51 -4.65
CA LYS A 344 -20.13 -20.34 -5.72
C LYS A 344 -21.28 -20.65 -6.68
N LEU A 345 -21.17 -20.14 -7.90
CA LEU A 345 -22.25 -20.22 -8.88
C LEU A 345 -21.89 -21.20 -9.99
N LYS A 346 -22.86 -22.00 -10.41
CA LYS A 346 -22.71 -22.85 -11.59
C LYS A 346 -23.35 -22.14 -12.79
N PHE A 347 -22.59 -21.98 -13.85
CA PHE A 347 -23.08 -21.42 -15.11
C PHE A 347 -23.53 -22.59 -15.98
N ASN A 348 -24.85 -22.67 -16.25
CA ASN A 348 -25.43 -23.69 -17.11
C ASN A 348 -25.67 -23.06 -18.47
N PHE A 349 -24.69 -23.20 -19.35
CA PHE A 349 -24.73 -22.59 -20.67
C PHE A 349 -25.77 -23.24 -21.57
N LYS A 350 -26.58 -22.41 -22.23
CA LYS A 350 -27.56 -22.84 -23.21
C LYS A 350 -28.08 -21.61 -23.94
N THR A 351 -28.28 -21.75 -25.25
CA THR A 351 -28.84 -20.67 -26.03
C THR A 351 -30.36 -20.59 -25.83
N ALA A 352 -30.91 -19.41 -26.06
CA ALA A 352 -32.35 -19.19 -26.07
C ALA A 352 -32.57 -17.91 -26.86
N HIS A 353 -33.49 -17.95 -27.82
CA HIS A 353 -33.70 -16.78 -28.66
C HIS A 353 -34.54 -15.71 -27.96
N HIS A 354 -34.33 -14.47 -28.39
CA HIS A 354 -34.95 -13.29 -27.79
C HIS A 354 -36.43 -13.20 -28.18
N HIS A 355 -37.31 -13.09 -27.19
CA HIS A 355 -38.75 -12.98 -27.44
C HIS A 355 -39.20 -11.53 -27.43
N MET B 1 26.13 -22.20 -4.88
CA MET B 1 27.53 -22.07 -4.52
C MET B 1 27.71 -21.17 -3.29
N LYS B 2 28.96 -20.84 -2.97
CA LYS B 2 29.26 -19.98 -1.83
C LYS B 2 29.12 -18.52 -2.22
N SER B 3 28.49 -17.74 -1.35
CA SER B 3 28.21 -16.35 -1.65
C SER B 3 29.48 -15.55 -1.89
N LYS B 4 29.42 -14.69 -2.91
CA LYS B 4 30.49 -13.76 -3.24
C LYS B 4 30.21 -12.35 -2.73
N LEU B 5 29.20 -12.17 -1.87
CA LEU B 5 28.99 -10.83 -1.34
C LEU B 5 30.14 -10.44 -0.42
N PRO B 6 30.63 -9.21 -0.51
CA PRO B 6 31.69 -8.77 0.39
C PRO B 6 31.23 -8.85 1.85
N LYS B 7 32.18 -9.07 2.74
CA LYS B 7 31.82 -9.22 4.14
C LYS B 7 31.06 -8.01 4.68
N PRO B 8 31.38 -6.75 4.33
CA PRO B 8 30.53 -5.65 4.81
C PRO B 8 29.08 -5.74 4.35
N VAL B 9 28.81 -6.20 3.12
CA VAL B 9 27.42 -6.32 2.70
C VAL B 9 26.73 -7.44 3.48
N GLN B 10 27.43 -8.58 3.67
CA GLN B 10 26.88 -9.66 4.46
C GLN B 10 26.56 -9.19 5.88
N ASP B 11 27.48 -8.45 6.51
CA ASP B 11 27.22 -7.96 7.86
C ASP B 11 26.04 -6.99 7.89
N LEU B 12 25.88 -6.20 6.83
CA LEU B 12 24.73 -5.32 6.72
C LEU B 12 23.41 -6.11 6.63
N ILE B 13 23.39 -7.17 5.81
CA ILE B 13 22.17 -8.00 5.69
C ILE B 13 21.78 -8.59 7.05
N LYS B 14 22.75 -9.15 7.76
CA LYS B 14 22.45 -9.73 9.07
C LYS B 14 21.96 -8.67 10.04
N MET B 15 22.53 -7.47 9.98
CA MET B 15 22.15 -6.43 10.92
C MET B 15 20.70 -5.98 10.69
N ILE B 16 20.26 -5.88 9.45
CA ILE B 16 18.91 -5.36 9.24
C ILE B 16 17.85 -6.46 9.29
N PHE B 17 18.19 -7.74 9.09
CA PHE B 17 17.23 -8.84 9.20
C PHE B 17 17.32 -9.53 10.56
N ASP B 18 17.97 -8.90 11.54
CA ASP B 18 18.15 -9.46 12.89
C ASP B 18 16.81 -9.57 13.61
N VAL B 19 16.34 -10.80 13.83
CA VAL B 19 15.03 -11.00 14.44
C VAL B 19 15.08 -10.70 15.94
N GLU B 20 16.21 -10.98 16.58
CA GLU B 20 16.36 -10.63 17.99
C GLU B 20 16.27 -9.12 18.19
N SER B 21 16.73 -8.33 17.21
CA SER B 21 16.58 -6.87 17.32
C SER B 21 15.13 -6.43 17.20
N MET B 22 14.35 -7.11 16.37
CA MET B 22 12.94 -6.75 16.25
C MET B 22 12.21 -7.03 17.57
N LYS B 23 12.49 -8.18 18.19
CA LYS B 23 11.86 -8.50 19.47
C LYS B 23 12.32 -7.55 20.56
N LYS B 24 13.60 -7.18 20.54
CA LYS B 24 14.12 -6.24 21.53
C LYS B 24 13.45 -4.87 21.38
N ALA B 25 13.24 -4.42 20.15
CA ALA B 25 12.53 -3.15 19.95
C ALA B 25 11.13 -3.21 20.54
N MET B 26 10.45 -4.35 20.40
CA MET B 26 9.09 -4.45 20.91
C MET B 26 9.06 -4.57 22.43
N VAL B 27 10.06 -5.25 23.02
CA VAL B 27 10.14 -5.28 24.47
C VAL B 27 10.36 -3.88 25.01
N GLU B 28 11.22 -3.09 24.36
CA GLU B 28 11.43 -1.71 24.80
C GLU B 28 10.13 -0.93 24.80
N TYR B 29 9.28 -1.18 23.80
CA TYR B 29 8.00 -0.52 23.72
C TYR B 29 7.00 -1.09 24.72
N GLU B 30 7.37 -2.14 25.45
CA GLU B 30 6.56 -2.76 26.49
C GLU B 30 5.37 -3.50 25.92
N ILE B 31 5.49 -3.95 24.67
CA ILE B 31 4.46 -4.78 24.09
C ILE B 31 4.50 -6.15 24.77
N ASP B 32 3.34 -6.74 24.98
CA ASP B 32 3.27 -8.08 25.57
C ASP B 32 3.53 -9.08 24.44
N LEU B 33 4.73 -9.69 24.44
CA LEU B 33 5.09 -10.62 23.36
C LEU B 33 4.37 -11.96 23.46
N GLN B 34 3.65 -12.23 24.55
CA GLN B 34 2.89 -13.47 24.62
C GLN B 34 1.51 -13.33 23.99
N LYS B 35 0.86 -12.17 24.14
CA LYS B 35 -0.39 -11.93 23.44
C LYS B 35 -0.15 -11.42 22.02
N MET B 36 0.98 -10.77 21.79
CA MET B 36 1.28 -10.13 20.50
C MET B 36 2.71 -10.45 20.09
N PRO B 37 2.99 -11.69 19.69
CA PRO B 37 4.34 -12.01 19.21
C PRO B 37 4.60 -11.42 17.83
N LEU B 38 5.89 -11.39 17.47
CA LEU B 38 6.35 -10.84 16.20
C LEU B 38 5.52 -11.32 15.02
N GLY B 39 5.32 -12.64 14.92
CA GLY B 39 4.61 -13.20 13.80
C GLY B 39 3.14 -12.83 13.74
N LYS B 40 2.61 -12.14 14.75
CA LYS B 40 1.21 -11.77 14.70
C LYS B 40 0.99 -10.30 14.37
N LEU B 41 2.05 -9.48 14.31
CA LEU B 41 1.88 -8.12 13.83
C LEU B 41 1.35 -8.16 12.41
N SER B 42 0.44 -7.23 12.09
CA SER B 42 -0.09 -7.17 10.75
C SER B 42 -0.26 -5.71 10.35
N LYS B 43 -0.35 -5.49 9.04
CA LYS B 43 -0.59 -4.16 8.54
C LYS B 43 -1.96 -3.64 8.97
N ARG B 44 -3.01 -4.47 8.85
CA ARG B 44 -4.34 -4.00 9.20
C ARG B 44 -4.44 -3.65 10.69
N GLN B 45 -3.73 -4.38 11.54
CA GLN B 45 -3.67 -4.06 12.98
C GLN B 45 -3.08 -2.67 13.22
N ILE B 46 -1.97 -2.40 12.55
CA ILE B 46 -1.27 -1.13 12.76
C ILE B 46 -2.11 0.03 12.23
N GLN B 47 -2.77 -0.14 11.05
CA GLN B 47 -3.64 0.94 10.57
C GLN B 47 -4.83 1.15 11.49
N ALA B 48 -5.46 0.08 11.97
CA ALA B 48 -6.58 0.24 12.89
C ALA B 48 -6.13 0.93 14.16
N ALA B 49 -4.90 0.67 14.60
CA ALA B 49 -4.37 1.37 15.77
C ALA B 49 -4.13 2.84 15.46
N TYR B 50 -3.71 3.16 14.23
CA TYR B 50 -3.58 4.57 13.83
C TYR B 50 -4.91 5.30 13.96
N SER B 51 -6.00 4.68 13.45
CA SER B 51 -7.33 5.29 13.50
C SER B 51 -7.77 5.53 14.93
N ILE B 52 -7.48 4.58 15.82
CA ILE B 52 -7.85 4.76 17.22
C ILE B 52 -7.13 5.98 17.80
N LEU B 53 -5.86 6.16 17.42
CA LEU B 53 -5.13 7.34 17.89
C LEU B 53 -5.72 8.61 17.30
N SER B 54 -6.10 8.57 16.01
CA SER B 54 -6.77 9.71 15.41
C SER B 54 -8.11 9.98 16.08
N GLU B 55 -8.82 8.93 16.50
CA GLU B 55 -10.07 9.14 17.24
C GLU B 55 -9.82 9.71 18.62
N VAL B 56 -8.72 9.31 19.26
CA VAL B 56 -8.39 9.85 20.58
C VAL B 56 -8.08 11.34 20.48
N GLN B 57 -7.26 11.73 19.50
CA GLN B 57 -6.96 13.13 19.28
C GLN B 57 -8.22 13.94 19.06
N GLN B 58 -9.18 13.41 18.30
CA GLN B 58 -10.41 14.15 18.03
C GLN B 58 -11.38 14.11 19.21
N ALA B 59 -11.26 13.12 20.09
CA ALA B 59 -12.09 13.11 21.28
C ALA B 59 -11.69 14.25 22.22
N VAL B 60 -10.39 14.42 22.46
CA VAL B 60 -9.92 15.59 23.20
C VAL B 60 -10.39 16.88 22.53
N SER B 61 -10.14 17.02 21.22
CA SER B 61 -10.46 18.26 20.51
C SER B 61 -11.93 18.64 20.63
N GLN B 62 -12.84 17.68 20.52
CA GLN B 62 -14.25 17.98 20.54
C GLN B 62 -14.87 17.87 21.94
N GLY B 63 -14.05 17.83 22.99
CA GLY B 63 -14.54 17.76 24.36
C GLY B 63 -15.39 16.55 24.71
N SER B 64 -14.86 15.36 24.41
CA SER B 64 -15.50 14.12 24.83
C SER B 64 -15.32 13.93 26.33
N SER B 65 -16.15 13.07 26.92
CA SER B 65 -16.07 12.89 28.36
C SER B 65 -14.87 12.01 28.74
N ASP B 66 -14.54 12.04 30.03
CA ASP B 66 -13.44 11.22 30.54
C ASP B 66 -13.71 9.74 30.27
N SER B 67 -14.96 9.31 30.40
CA SER B 67 -15.29 7.92 30.17
C SER B 67 -15.11 7.54 28.71
N GLN B 68 -15.60 8.39 27.81
CA GLN B 68 -15.39 8.15 26.38
C GLN B 68 -13.91 8.00 26.07
N ILE B 69 -13.09 8.90 26.60
CA ILE B 69 -11.67 8.93 26.28
C ILE B 69 -10.96 7.70 26.83
N LEU B 70 -11.31 7.29 28.05
CA LEU B 70 -10.70 6.06 28.60
C LEU B 70 -11.10 4.84 27.78
N ASP B 71 -12.35 4.77 27.30
CA ASP B 71 -12.76 3.64 26.49
C ASP B 71 -11.93 3.58 25.20
N LEU B 72 -11.69 4.74 24.60
CA LEU B 72 -10.89 4.81 23.38
C LEU B 72 -9.45 4.40 23.67
N SER B 73 -8.88 4.94 24.74
CA SER B 73 -7.56 4.56 25.19
C SER B 73 -7.45 3.06 25.43
N ASN B 74 -8.49 2.46 26.04
CA ASN B 74 -8.50 1.02 26.27
C ASN B 74 -8.66 0.23 24.97
N ARG B 75 -9.39 0.77 23.98
CA ARG B 75 -9.44 0.06 22.71
C ARG B 75 -8.05 -0.05 22.10
N PHE B 76 -7.21 0.98 22.26
CA PHE B 76 -5.86 0.92 21.71
C PHE B 76 -5.06 -0.23 22.32
N TYR B 77 -5.16 -0.39 23.64
CA TYR B 77 -4.38 -1.43 24.30
C TYR B 77 -4.97 -2.82 24.13
N THR B 78 -6.24 -2.92 23.74
CA THR B 78 -6.77 -4.22 23.38
C THR B 78 -6.21 -4.67 22.03
N LEU B 79 -6.07 -3.73 21.09
CA LEU B 79 -5.54 -4.01 19.77
C LEU B 79 -4.03 -4.27 19.80
N ILE B 80 -3.29 -3.44 20.53
CA ILE B 80 -1.84 -3.60 20.68
C ILE B 80 -1.56 -3.92 22.15
N PRO B 81 -1.59 -5.19 22.54
CA PRO B 81 -1.46 -5.53 23.97
C PRO B 81 -0.12 -5.13 24.54
N HIS B 82 -0.16 -4.51 25.71
CA HIS B 82 1.03 -4.04 26.38
C HIS B 82 1.20 -4.76 27.70
N ASP B 83 2.44 -4.80 28.17
CA ASP B 83 2.79 -5.40 29.46
C ASP B 83 3.58 -4.34 30.22
N PHE B 84 2.90 -3.61 31.11
CA PHE B 84 3.55 -2.61 31.94
C PHE B 84 3.89 -3.13 33.34
N GLY B 85 3.61 -4.40 33.61
CA GLY B 85 3.88 -4.92 34.92
C GLY B 85 2.99 -4.30 35.96
N MET B 86 3.61 -3.69 36.96
CA MET B 86 2.86 -2.93 37.97
C MET B 86 2.12 -1.72 37.42
N LYS B 87 2.74 -0.95 36.54
CA LYS B 87 2.20 0.33 36.16
C LYS B 87 0.94 0.23 35.29
N LYS B 88 0.18 1.32 35.31
CA LYS B 88 -1.09 1.48 34.61
C LYS B 88 -0.71 1.63 33.15
N PRO B 89 -1.56 1.23 32.21
CA PRO B 89 -1.35 1.68 30.85
C PRO B 89 -1.46 3.20 30.80
N PRO B 90 -0.50 3.90 30.20
CA PRO B 90 -0.61 5.37 30.13
C PRO B 90 -1.90 5.76 29.41
N LEU B 91 -2.60 6.74 29.98
CA LEU B 91 -3.87 7.17 29.42
C LEU B 91 -3.62 8.02 28.19
N LEU B 92 -4.23 7.64 27.07
CA LEU B 92 -4.03 8.36 25.81
C LEU B 92 -5.09 9.46 25.71
N ASN B 93 -4.78 10.59 26.35
CA ASN B 93 -5.73 11.70 26.41
C ASN B 93 -5.07 13.05 26.11
N ASN B 94 -3.81 13.06 25.72
CA ASN B 94 -3.11 14.29 25.39
C ASN B 94 -2.27 14.04 24.14
N ALA B 95 -1.92 15.13 23.46
CA ALA B 95 -1.18 15.03 22.21
C ALA B 95 0.18 14.34 22.39
N ASP B 96 0.80 14.50 23.57
CA ASP B 96 2.09 13.85 23.80
C ASP B 96 1.95 12.33 23.86
N SER B 97 0.96 11.83 24.62
CA SER B 97 0.74 10.39 24.73
C SER B 97 0.43 9.75 23.38
N VAL B 98 -0.42 10.38 22.58
CA VAL B 98 -0.76 9.79 21.30
C VAL B 98 0.41 9.85 20.34
N GLN B 99 1.26 10.89 20.44
CA GLN B 99 2.40 10.98 19.53
C GLN B 99 3.46 9.94 19.86
N ALA B 100 3.61 9.57 21.13
CA ALA B 100 4.55 8.50 21.46
C ALA B 100 4.05 7.16 20.90
N LYS B 101 2.74 6.91 20.95
CA LYS B 101 2.20 5.67 20.41
C LYS B 101 2.19 5.68 18.88
N ALA B 102 1.96 6.84 18.28
CA ALA B 102 2.04 6.97 16.83
C ALA B 102 3.45 6.65 16.33
N GLU B 103 4.48 7.18 17.01
CA GLU B 103 5.85 6.90 16.57
C GLU B 103 6.20 5.44 16.77
N MET B 104 5.67 4.84 17.84
CA MET B 104 5.86 3.41 18.00
C MET B 104 5.20 2.66 16.84
N LEU B 105 4.01 3.11 16.44
CA LEU B 105 3.33 2.45 15.32
C LEU B 105 4.13 2.63 14.04
N ASP B 106 4.74 3.80 13.84
CA ASP B 106 5.59 4.01 12.66
C ASP B 106 6.70 2.95 12.61
N ASN B 107 7.33 2.68 13.76
CA ASN B 107 8.44 1.74 13.76
C ASN B 107 7.97 0.29 13.71
N LEU B 108 6.84 0.00 14.34
CA LEU B 108 6.24 -1.33 14.21
C LEU B 108 5.91 -1.65 12.75
N LEU B 109 5.52 -0.63 11.98
CA LEU B 109 5.16 -0.86 10.58
C LEU B 109 6.34 -1.42 9.79
N ASP B 110 7.54 -0.84 9.95
CA ASP B 110 8.70 -1.33 9.21
C ASP B 110 9.21 -2.65 9.78
N ILE B 111 8.96 -2.91 11.07
CA ILE B 111 9.33 -4.22 11.61
C ILE B 111 8.47 -5.30 11.01
N GLU B 112 7.17 -5.04 10.88
CA GLU B 112 6.28 -6.00 10.25
C GLU B 112 6.72 -6.27 8.83
N VAL B 113 7.06 -5.21 8.07
CA VAL B 113 7.54 -5.39 6.69
C VAL B 113 8.77 -6.28 6.68
N ALA B 114 9.71 -5.99 7.58
CA ALA B 114 10.95 -6.77 7.62
C ALA B 114 10.65 -8.23 7.88
N TYR B 115 9.83 -8.50 8.90
CA TYR B 115 9.55 -9.87 9.29
C TYR B 115 8.75 -10.61 8.20
N SER B 116 7.80 -9.94 7.53
CA SER B 116 7.06 -10.55 6.43
C SER B 116 7.99 -10.91 5.27
N LEU B 117 8.91 -10.01 4.92
CA LEU B 117 9.86 -10.30 3.86
C LEU B 117 10.69 -11.53 4.21
N LEU B 118 11.18 -11.58 5.45
CA LEU B 118 12.01 -12.69 5.89
C LEU B 118 11.26 -14.02 5.81
N ARG B 119 9.94 -14.01 6.02
CA ARG B 119 9.13 -15.22 6.01
C ARG B 119 8.40 -15.48 4.68
N GLY B 120 8.45 -14.57 3.70
CA GLY B 120 7.91 -14.87 2.40
C GLY B 120 8.72 -15.94 1.69
N GLY B 121 8.04 -16.73 0.85
CA GLY B 121 8.64 -17.92 0.27
C GLY B 121 9.65 -17.67 -0.84
N SER B 122 10.17 -18.78 -1.35
CA SER B 122 11.19 -18.81 -2.42
C SER B 122 10.95 -17.85 -3.56
N SER B 125 16.61 -24.13 -2.56
CA SER B 125 16.98 -23.43 -3.84
C SER B 125 18.45 -23.50 -4.26
N SER B 126 19.17 -24.00 -3.28
CA SER B 126 20.58 -24.22 -3.24
C SER B 126 21.38 -22.96 -2.89
N LYS B 127 20.77 -21.79 -2.69
CA LYS B 127 21.54 -20.59 -2.45
C LYS B 127 21.93 -20.45 -0.98
N ASP B 128 23.07 -19.80 -0.75
CA ASP B 128 23.46 -19.46 0.61
C ASP B 128 22.40 -18.54 1.20
N PRO B 129 22.00 -18.76 2.44
CA PRO B 129 20.93 -17.93 3.02
C PRO B 129 21.20 -16.44 2.95
N ILE B 130 22.47 -16.03 2.99
CA ILE B 130 22.74 -14.60 2.89
C ILE B 130 22.41 -14.09 1.50
N ASP B 131 22.60 -14.91 0.46
CA ASP B 131 22.20 -14.48 -0.88
C ASP B 131 20.69 -14.44 -1.00
N VAL B 132 20.02 -15.41 -0.38
CA VAL B 132 18.55 -15.40 -0.35
C VAL B 132 18.06 -14.11 0.29
N ASN B 133 18.67 -13.72 1.42
CA ASN B 133 18.19 -12.54 2.10
C ASN B 133 18.62 -11.27 1.39
N TYR B 134 19.79 -11.29 0.74
CA TYR B 134 20.16 -10.17 -0.10
C TYR B 134 19.09 -9.90 -1.15
N GLU B 135 18.70 -10.94 -1.90
CA GLU B 135 17.75 -10.79 -2.99
C GLU B 135 16.37 -10.37 -2.52
N LYS B 136 16.01 -10.73 -1.29
CA LYS B 136 14.74 -10.26 -0.74
C LYS B 136 14.66 -8.74 -0.68
N LEU B 137 15.79 -8.06 -0.49
CA LEU B 137 15.81 -6.60 -0.40
C LEU B 137 15.61 -5.91 -1.74
N LYS B 138 15.81 -6.62 -2.87
CA LYS B 138 15.65 -6.05 -4.22
C LYS B 138 16.40 -4.71 -4.35
N THR B 139 17.60 -4.68 -3.80
CA THR B 139 18.45 -3.50 -3.84
C THR B 139 19.84 -3.93 -4.25
N ASP B 140 20.43 -3.23 -5.20
CA ASP B 140 21.84 -3.44 -5.51
C ASP B 140 22.67 -2.71 -4.44
N ILE B 141 23.55 -3.43 -3.77
CA ILE B 141 24.36 -2.88 -2.69
C ILE B 141 25.83 -3.10 -3.02
N LYS B 142 26.58 -2.02 -3.21
CA LYS B 142 28.01 -2.08 -3.50
C LYS B 142 28.79 -1.38 -2.39
N VAL B 143 29.96 -1.90 -2.06
CA VAL B 143 30.82 -1.25 -1.07
C VAL B 143 31.59 -0.15 -1.76
N VAL B 144 31.58 1.06 -1.19
CA VAL B 144 32.36 2.16 -1.71
C VAL B 144 33.77 2.07 -1.14
N ASP B 145 34.77 2.11 -2.02
CA ASP B 145 36.17 2.06 -1.60
C ASP B 145 36.48 3.20 -0.64
N ARG B 146 37.10 2.85 0.50
CA ARG B 146 37.39 3.83 1.55
C ARG B 146 38.25 4.97 1.04
N ASP B 147 39.10 4.71 0.05
CA ASP B 147 40.00 5.73 -0.46
C ASP B 147 39.46 6.48 -1.67
N SER B 148 38.23 6.18 -2.09
CA SER B 148 37.65 6.82 -3.26
C SER B 148 37.33 8.29 -2.99
N GLU B 149 37.03 9.02 -4.05
CA GLU B 149 36.65 10.41 -3.88
C GLU B 149 35.23 10.54 -3.31
N GLU B 150 34.32 9.63 -3.67
CA GLU B 150 32.98 9.73 -3.09
C GLU B 150 33.02 9.47 -1.58
N ALA B 151 33.87 8.52 -1.14
CA ALA B 151 34.02 8.28 0.29
C ALA B 151 34.61 9.50 1.00
N GLU B 152 35.59 10.18 0.38
CA GLU B 152 36.16 11.37 0.99
C GLU B 152 35.13 12.48 1.09
N ILE B 153 34.30 12.63 0.06
CA ILE B 153 33.24 13.64 0.09
C ILE B 153 32.22 13.30 1.17
N ILE B 154 31.85 12.02 1.28
CA ILE B 154 30.85 11.63 2.28
C ILE B 154 31.40 11.79 3.70
N ARG B 155 32.66 11.40 3.93
CA ARG B 155 33.29 11.63 5.23
C ARG B 155 33.36 13.13 5.57
N LYS B 156 33.64 13.97 4.57
CA LYS B 156 33.69 15.42 4.79
C LYS B 156 32.31 15.97 5.17
N TYR B 157 31.26 15.49 4.49
CA TYR B 157 29.87 15.85 4.81
C TYR B 157 29.52 15.49 6.25
N VAL B 158 29.93 14.30 6.69
CA VAL B 158 29.68 13.89 8.08
C VAL B 158 30.42 14.81 9.03
N LYS B 159 31.73 15.00 8.79
CA LYS B 159 32.56 15.71 9.73
C LYS B 159 32.18 17.18 9.81
N ASN B 160 31.93 17.81 8.66
CA ASN B 160 31.64 19.25 8.65
C ASN B 160 30.29 19.57 9.28
N THR B 161 29.25 18.77 8.99
CA THR B 161 27.91 19.10 9.46
C THR B 161 27.61 18.47 10.82
N HIS B 162 28.61 17.92 11.49
CA HIS B 162 28.47 17.50 12.87
C HIS B 162 29.30 18.37 13.81
N ALA B 163 30.05 19.34 13.29
CA ALA B 163 31.00 20.11 14.10
C ALA B 163 30.31 21.01 15.13
N THR B 164 29.10 21.48 14.86
CA THR B 164 28.43 22.39 15.78
C THR B 164 27.52 21.67 16.78
N THR B 165 27.62 20.35 16.88
CA THR B 165 26.73 19.60 17.77
C THR B 165 27.08 19.84 19.24
N HIS B 166 26.04 19.97 20.06
CA HIS B 166 26.19 19.89 21.50
C HIS B 166 25.71 18.56 22.04
N ASN B 167 25.46 17.59 21.15
CA ASN B 167 25.21 16.22 21.56
C ASN B 167 26.51 15.57 22.01
N ALA B 168 26.39 14.60 22.91
CA ALA B 168 27.55 13.98 23.54
C ALA B 168 28.08 12.79 22.72
N TYR B 169 28.41 13.04 21.45
CA TYR B 169 29.03 11.98 20.67
C TYR B 169 29.67 12.53 19.41
N ASP B 170 30.67 11.79 18.94
CA ASP B 170 31.27 12.00 17.65
C ASP B 170 30.87 10.86 16.72
N LEU B 171 30.91 11.12 15.42
CA LEU B 171 30.51 10.13 14.42
C LEU B 171 31.71 9.66 13.62
N GLU B 172 31.82 8.35 13.48
CA GLU B 172 32.87 7.67 12.72
C GLU B 172 32.17 6.82 11.65
N VAL B 173 32.50 7.06 10.38
CA VAL B 173 31.94 6.27 9.27
C VAL B 173 32.69 4.95 9.16
N ILE B 174 31.97 3.84 9.33
CA ILE B 174 32.57 2.50 9.22
C ILE B 174 32.48 1.95 7.80
N ASP B 175 31.28 1.93 7.19
CA ASP B 175 31.12 1.45 5.83
C ASP B 175 30.22 2.39 5.06
N ILE B 176 30.52 2.53 3.78
CA ILE B 176 29.68 3.28 2.83
C ILE B 176 29.21 2.32 1.77
N PHE B 177 27.89 2.22 1.59
CA PHE B 177 27.32 1.40 0.53
C PHE B 177 26.66 2.28 -0.52
N LYS B 178 26.92 1.99 -1.79
CA LYS B 178 26.19 2.58 -2.89
C LYS B 178 24.94 1.72 -3.12
N ILE B 179 23.74 2.33 -3.02
CA ILE B 179 22.51 1.54 -3.09
C ILE B 179 21.67 1.95 -4.29
N GLU B 180 20.97 0.98 -4.85
CA GLU B 180 20.01 1.21 -5.93
C GLU B 180 18.81 0.29 -5.74
N ARG B 181 17.69 0.86 -5.30
CA ARG B 181 16.48 0.07 -5.13
C ARG B 181 15.86 -0.25 -6.49
N GLU B 182 15.49 -1.51 -6.70
CA GLU B 182 14.87 -1.92 -7.96
C GLU B 182 13.64 -1.07 -8.28
N GLY B 183 13.65 -0.45 -9.46
CA GLY B 183 12.55 0.38 -9.92
C GLY B 183 12.58 1.83 -9.44
N GLU B 184 13.42 2.19 -8.46
CA GLU B 184 13.35 3.55 -7.94
C GLU B 184 13.84 4.58 -8.96
N CYS B 185 14.90 4.24 -9.71
CA CYS B 185 15.46 5.16 -10.68
C CYS B 185 14.43 5.51 -11.77
N GLN B 186 13.72 4.52 -12.28
CA GLN B 186 12.68 4.79 -13.28
C GLN B 186 11.58 5.65 -12.69
N ARG B 187 11.18 5.37 -11.45
CA ARG B 187 10.18 6.15 -10.75
C ARG B 187 10.62 7.61 -10.53
N TYR B 188 11.92 7.81 -10.29
CA TYR B 188 12.46 9.14 -10.01
C TYR B 188 12.68 9.96 -11.27
N LYS B 189 12.95 9.31 -12.40
CA LYS B 189 13.27 10.00 -13.65
C LYS B 189 12.40 11.22 -13.96
N PRO B 190 11.07 11.16 -13.88
CA PRO B 190 10.28 12.37 -14.18
C PRO B 190 10.69 13.59 -13.36
N PHE B 191 11.24 13.39 -12.17
CA PHE B 191 11.59 14.50 -11.29
C PHE B 191 13.05 14.90 -11.40
N LYS B 192 13.87 14.13 -12.13
CA LYS B 192 15.23 14.55 -12.45
C LYS B 192 15.21 15.85 -13.23
N GLN B 193 14.06 16.20 -13.83
CA GLN B 193 13.90 17.41 -14.61
C GLN B 193 13.76 18.63 -13.72
N LEU B 194 13.38 18.42 -12.47
CA LEU B 194 13.29 19.52 -11.56
C LEU B 194 14.68 20.01 -11.18
N HIS B 195 14.78 21.31 -11.00
CA HIS B 195 15.98 21.87 -10.45
C HIS B 195 15.98 21.77 -8.93
N ASN B 196 17.09 22.19 -8.33
CA ASN B 196 17.31 22.12 -6.87
C ASN B 196 17.27 20.68 -6.37
N ARG B 197 18.15 19.85 -6.93
CA ARG B 197 18.32 18.49 -6.48
C ARG B 197 19.49 18.46 -5.48
N ARG B 198 19.22 17.98 -4.28
CA ARG B 198 20.21 17.97 -3.21
C ARG B 198 20.40 16.57 -2.66
N LEU B 199 21.60 16.31 -2.15
CA LEU B 199 21.94 15.06 -1.48
C LEU B 199 21.81 15.30 0.02
N LEU B 200 20.79 14.69 0.62
CA LEU B 200 20.35 14.99 1.97
C LEU B 200 20.33 13.75 2.86
N TRP B 201 20.43 13.99 4.16
CA TRP B 201 20.48 12.95 5.18
C TRP B 201 19.07 12.48 5.58
N HIS B 202 18.95 11.18 5.89
CA HIS B 202 17.76 10.65 6.54
C HIS B 202 18.18 9.52 7.48
N GLY B 203 18.03 9.72 8.77
CA GLY B 203 18.36 8.72 9.77
C GLY B 203 17.12 8.00 10.24
N SER B 204 17.31 6.76 10.69
CA SER B 204 16.22 5.98 11.24
C SER B 204 16.79 4.84 12.06
N ARG B 205 15.93 4.18 12.84
CA ARG B 205 16.33 3.01 13.61
C ARG B 205 16.79 1.89 12.69
N THR B 206 17.73 1.07 13.18
CA THR B 206 18.24 -0.03 12.37
C THR B 206 17.15 -1.03 11.99
N THR B 207 16.18 -1.27 12.87
CA THR B 207 15.06 -2.19 12.62
C THR B 207 14.11 -1.70 11.54
N ASN B 208 14.34 -0.52 10.98
CA ASN B 208 13.51 0.01 9.89
C ASN B 208 14.16 -0.17 8.52
N PHE B 209 15.45 -0.53 8.46
CA PHE B 209 16.13 -0.42 7.17
C PHE B 209 15.83 -1.59 6.22
N ALA B 210 15.40 -2.75 6.71
CA ALA B 210 14.95 -3.77 5.76
C ALA B 210 13.70 -3.30 5.03
N GLY B 211 12.78 -2.65 5.76
CA GLY B 211 11.60 -2.10 5.10
C GLY B 211 11.95 -0.94 4.20
N ILE B 212 12.88 -0.08 4.63
CA ILE B 212 13.26 1.07 3.81
C ILE B 212 13.90 0.61 2.50
N LEU B 213 14.81 -0.36 2.57
CA LEU B 213 15.44 -0.81 1.32
C LEU B 213 14.39 -1.50 0.43
N SER B 214 13.53 -2.31 1.04
CA SER B 214 12.54 -3.08 0.29
C SER B 214 11.50 -2.18 -0.39
N GLN B 215 10.95 -1.23 0.35
CA GLN B 215 9.82 -0.45 -0.14
C GLN B 215 10.13 1.03 -0.28
N GLY B 216 11.32 1.48 0.12
CA GLY B 216 11.68 2.87 0.00
C GLY B 216 11.05 3.69 1.11
N LEU B 217 11.43 4.96 1.15
CA LEU B 217 10.84 5.87 2.13
C LEU B 217 9.38 6.13 1.78
N ARG B 218 8.50 5.98 2.77
CA ARG B 218 7.07 6.04 2.60
C ARG B 218 6.46 7.21 3.34
N ILE B 219 5.28 7.60 2.89
CA ILE B 219 4.53 8.70 3.48
C ILE B 219 3.55 8.13 4.48
N ALA B 220 3.34 8.84 5.59
CA ALA B 220 2.40 8.37 6.60
C ALA B 220 1.00 8.20 6.00
N PRO B 221 0.27 7.16 6.39
CA PRO B 221 -1.07 6.93 5.83
C PRO B 221 -2.04 7.99 6.31
N PRO B 222 -3.24 8.07 5.70
CA PRO B 222 -4.23 9.05 6.15
C PRO B 222 -4.72 8.82 7.58
N GLU B 223 -4.78 7.56 8.02
CA GLU B 223 -5.27 7.22 9.35
C GLU B 223 -4.38 7.73 10.47
N ALA B 224 -3.11 8.02 10.19
CA ALA B 224 -2.20 8.40 11.25
C ALA B 224 -2.57 9.77 11.81
N PRO B 225 -2.37 9.98 13.11
CA PRO B 225 -2.72 11.29 13.70
C PRO B 225 -1.90 12.41 13.08
N VAL B 226 -2.58 13.50 12.73
CA VAL B 226 -1.93 14.60 12.04
C VAL B 226 -0.89 15.35 12.89
N THR B 227 -0.96 15.26 14.21
CA THR B 227 -0.03 16.00 15.04
C THR B 227 1.37 15.38 15.12
N GLY B 228 1.61 14.22 14.52
CA GLY B 228 2.97 13.73 14.52
C GLY B 228 3.88 14.37 13.50
N TYR B 229 3.33 15.16 12.59
CA TYR B 229 4.06 15.56 11.39
C TYR B 229 4.10 17.07 11.35
N MET B 230 5.24 17.61 11.78
CA MET B 230 5.39 19.05 11.94
C MET B 230 5.07 19.82 10.66
N PHE B 231 5.49 19.30 9.51
CA PHE B 231 5.24 19.95 8.22
C PHE B 231 4.36 19.06 7.33
N GLY B 232 3.45 18.30 7.94
CA GLY B 232 2.54 17.46 7.19
C GLY B 232 3.13 16.10 6.88
N LYS B 233 2.33 15.29 6.20
CA LYS B 233 2.70 13.91 5.93
C LYS B 233 3.53 13.83 4.65
N GLY B 234 4.84 14.04 4.79
CA GLY B 234 5.76 13.90 3.69
C GLY B 234 6.94 13.05 4.11
N ILE B 235 8.03 13.09 3.36
CA ILE B 235 9.27 12.41 3.69
C ILE B 235 10.27 13.49 4.12
N TYR B 236 10.86 13.31 5.30
CA TYR B 236 11.67 14.35 5.94
C TYR B 236 13.16 14.06 5.77
N PHE B 237 13.94 15.11 5.46
CA PHE B 237 15.39 15.02 5.30
C PHE B 237 16.05 16.18 6.02
N ALA B 238 17.38 16.07 6.23
CA ALA B 238 18.17 17.17 6.78
C ALA B 238 19.42 17.41 5.94
N ASP B 239 19.95 18.63 5.99
CA ASP B 239 21.23 18.92 5.36
C ASP B 239 22.40 18.84 6.34
N MET B 240 22.16 18.44 7.59
CA MET B 240 23.23 18.30 8.57
C MET B 240 23.09 16.96 9.29
N VAL B 241 24.17 16.20 9.32
CA VAL B 241 24.11 14.85 9.87
C VAL B 241 23.72 14.88 11.34
N SER B 242 24.04 15.97 12.05
CA SER B 242 23.66 16.11 13.45
C SER B 242 22.17 15.95 13.65
N LYS B 243 21.37 16.48 12.72
CA LYS B 243 19.93 16.32 12.85
C LYS B 243 19.53 14.88 12.63
N SER B 244 19.96 14.28 11.52
CA SER B 244 19.50 12.93 11.15
C SER B 244 20.06 11.85 12.07
N ALA B 245 21.30 12.00 12.54
CA ALA B 245 21.90 10.92 13.34
C ALA B 245 21.15 10.71 14.65
N ASN B 246 20.41 11.71 15.13
CA ASN B 246 19.64 11.60 16.35
C ASN B 246 18.42 10.71 16.24
N TYR B 247 18.12 10.17 15.05
CA TYR B 247 17.04 9.21 14.89
C TYR B 247 17.55 7.79 14.82
N CYS B 248 18.88 7.62 14.88
CA CYS B 248 19.47 6.30 14.71
C CYS B 248 19.27 5.38 15.91
N HIS B 249 18.81 5.92 17.04
CA HIS B 249 18.47 5.09 18.21
C HIS B 249 19.64 4.18 18.60
N THR B 250 20.81 4.80 18.76
CA THR B 250 22.00 4.12 19.24
C THR B 250 22.18 4.39 20.73
N SER B 251 23.06 3.62 21.35
CA SER B 251 23.26 3.69 22.79
C SER B 251 24.60 3.06 23.12
N GLN B 252 24.95 3.12 24.41
CA GLN B 252 26.18 2.51 24.93
C GLN B 252 26.27 1.04 24.54
N GLY B 253 25.18 0.30 24.74
CA GLY B 253 25.17 -1.12 24.44
C GLY B 253 25.24 -1.43 22.95
N ASP B 254 24.62 -0.59 22.12
CA ASP B 254 24.66 -0.78 20.67
C ASP B 254 24.94 0.54 19.98
N PRO B 255 26.28 0.89 19.86
CA PRO B 255 26.64 2.22 19.36
C PRO B 255 26.72 2.36 17.85
N ILE B 256 26.18 1.42 17.09
CA ILE B 256 26.29 1.45 15.63
C ILE B 256 24.91 1.70 15.03
N GLY B 257 24.82 2.71 14.17
CA GLY B 257 23.59 3.03 13.51
C GLY B 257 23.73 3.03 12.00
N LEU B 258 22.59 3.22 11.35
CA LEU B 258 22.50 3.30 9.90
C LEU B 258 21.83 4.62 9.52
N ILE B 259 22.34 5.23 8.46
CA ILE B 259 21.81 6.50 7.98
C ILE B 259 21.88 6.51 6.45
N LEU B 260 20.91 7.21 5.85
CA LEU B 260 20.81 7.30 4.38
C LEU B 260 21.29 8.65 3.87
N LEU B 261 21.80 8.63 2.63
CA LEU B 261 21.95 9.83 1.82
C LEU B 261 21.02 9.65 0.63
N GLY B 262 20.10 10.59 0.46
CA GLY B 262 19.14 10.54 -0.63
C GLY B 262 19.28 11.73 -1.55
N GLU B 263 19.15 11.49 -2.85
CA GLU B 263 19.01 12.58 -3.80
C GLU B 263 17.55 13.00 -3.78
N VAL B 264 17.28 14.25 -3.48
CA VAL B 264 15.89 14.71 -3.33
C VAL B 264 15.66 15.83 -4.31
N ALA B 265 14.67 15.63 -5.19
CA ALA B 265 14.31 16.66 -6.18
C ALA B 265 13.35 17.64 -5.52
N LEU B 266 13.90 18.76 -5.03
CA LEU B 266 13.14 19.72 -4.23
C LEU B 266 12.37 20.75 -5.06
N GLY B 267 12.88 21.12 -6.22
CA GLY B 267 12.22 22.17 -6.99
C GLY B 267 12.14 23.45 -6.20
N ASN B 268 11.03 24.16 -6.37
CA ASN B 268 10.81 25.42 -5.67
C ASN B 268 10.35 25.13 -4.25
N MET B 269 11.13 25.56 -3.27
CA MET B 269 10.86 25.27 -1.87
C MET B 269 9.95 26.33 -1.27
N TYR B 270 8.94 25.88 -0.52
CA TYR B 270 8.09 26.74 0.28
C TYR B 270 8.73 26.83 1.65
N GLU B 271 9.31 27.98 1.97
CA GLU B 271 10.11 28.11 3.18
C GLU B 271 9.25 28.52 4.36
N LEU B 272 9.31 27.74 5.44
CA LEU B 272 8.51 27.96 6.64
C LEU B 272 9.42 27.98 7.87
N LYS B 273 9.00 28.75 8.89
CA LYS B 273 9.70 28.78 10.16
C LYS B 273 8.95 28.07 11.28
N HIS B 274 7.66 27.80 11.10
CA HIS B 274 6.88 27.18 12.15
C HIS B 274 6.02 26.08 11.56
N ALA B 275 5.64 25.17 12.44
CA ALA B 275 4.82 24.04 12.05
C ALA B 275 3.54 24.50 11.38
N SER B 276 3.19 23.77 10.32
CA SER B 276 1.87 23.80 9.69
C SER B 276 1.73 22.51 8.90
N HIS B 277 0.63 21.80 9.13
CA HIS B 277 0.40 20.50 8.54
C HIS B 277 -0.06 20.64 7.09
N ILE B 278 0.91 20.71 6.18
CA ILE B 278 0.60 20.81 4.77
C ILE B 278 -0.14 19.57 4.35
N SER B 279 -1.34 19.75 3.87
CA SER B 279 -1.96 18.71 3.11
C SER B 279 -2.03 19.03 1.62
N LYS B 280 -1.78 20.29 1.23
CA LYS B 280 -1.62 20.64 -0.18
C LYS B 280 -0.67 21.83 -0.26
N LEU B 281 0.37 21.70 -1.08
CA LEU B 281 1.38 22.73 -1.26
C LEU B 281 0.81 23.91 -2.04
N PRO B 282 1.41 25.09 -1.91
CA PRO B 282 1.02 26.20 -2.79
C PRO B 282 1.35 25.87 -4.24
N LYS B 283 0.60 26.47 -5.15
CA LYS B 283 0.83 26.27 -6.57
C LYS B 283 2.24 26.76 -6.93
N GLY B 284 2.98 25.91 -7.64
CA GLY B 284 4.33 26.25 -8.04
C GLY B 284 5.44 25.79 -7.10
N LYS B 285 5.09 25.21 -5.95
CA LYS B 285 6.04 24.73 -4.97
C LYS B 285 6.07 23.21 -4.99
N HIS B 286 7.26 22.62 -4.93
CA HIS B 286 7.39 21.16 -4.96
C HIS B 286 7.90 20.55 -3.66
N SER B 287 8.28 21.37 -2.68
CA SER B 287 8.80 20.84 -1.42
C SER B 287 8.70 21.93 -0.37
N VAL B 288 8.99 21.56 0.87
CA VAL B 288 9.01 22.51 1.97
C VAL B 288 10.41 22.52 2.57
N LYS B 289 10.91 23.71 2.87
CA LYS B 289 12.11 23.85 3.67
C LYS B 289 11.72 24.49 5.00
N GLY B 290 11.92 23.75 6.08
CA GLY B 290 11.84 24.34 7.40
C GLY B 290 13.17 25.00 7.75
N LEU B 291 13.17 26.31 8.01
CA LEU B 291 14.40 27.06 8.24
C LEU B 291 14.93 26.88 9.66
N GLY B 292 16.20 26.49 9.78
CA GLY B 292 16.84 26.30 11.06
C GLY B 292 17.74 27.48 11.43
N LYS B 293 18.16 27.49 12.70
CA LYS B 293 19.10 28.52 13.15
C LYS B 293 20.52 28.26 12.67
N THR B 294 20.84 27.00 12.33
CA THR B 294 22.15 26.65 11.81
C THR B 294 22.03 26.02 10.42
N THR B 295 22.91 26.45 9.51
CA THR B 295 22.91 25.98 8.15
C THR B 295 24.34 25.71 7.68
N PRO B 296 24.54 24.72 6.81
CA PRO B 296 25.87 24.52 6.23
C PRO B 296 26.31 25.74 5.44
N ASP B 297 27.58 26.12 5.63
CA ASP B 297 28.15 27.30 4.98
C ASP B 297 27.94 27.19 3.47
N PRO B 298 27.09 28.03 2.88
CA PRO B 298 26.77 27.88 1.45
C PRO B 298 27.92 28.28 0.53
N SER B 299 29.01 28.81 1.08
CA SER B 299 30.18 29.05 0.25
C SER B 299 31.02 27.79 0.10
N ALA B 300 30.66 26.71 0.80
CA ALA B 300 31.39 25.46 0.70
C ALA B 300 30.63 24.39 -0.07
N ASN B 301 29.52 24.74 -0.72
CA ASN B 301 28.73 23.76 -1.48
C ASN B 301 29.54 23.19 -2.64
N ILE B 302 29.26 21.94 -2.96
CA ILE B 302 29.83 21.28 -4.13
C ILE B 302 28.71 20.56 -4.86
N SER B 303 28.98 20.21 -6.11
CA SER B 303 28.00 19.53 -6.94
C SER B 303 28.60 18.20 -7.38
N LEU B 304 28.08 17.09 -6.83
CA LEU B 304 28.55 15.75 -7.15
C LEU B 304 27.55 15.06 -8.10
N ASP B 305 27.99 14.84 -9.34
CA ASP B 305 27.14 14.30 -10.42
C ASP B 305 25.82 15.07 -10.54
N GLY B 306 25.95 16.39 -10.65
CA GLY B 306 24.81 17.27 -10.88
C GLY B 306 23.92 17.52 -9.68
N VAL B 307 24.29 17.02 -8.50
CA VAL B 307 23.48 17.15 -7.28
C VAL B 307 24.24 18.00 -6.28
N ASP B 308 23.55 18.93 -5.64
CA ASP B 308 24.17 19.77 -4.63
C ASP B 308 24.43 18.99 -3.34
N VAL B 309 25.64 19.13 -2.81
CA VAL B 309 26.02 18.52 -1.55
C VAL B 309 26.39 19.64 -0.59
N PRO B 310 25.50 19.98 0.36
CA PRO B 310 25.77 21.09 1.28
C PRO B 310 26.67 20.69 2.43
N LEU B 311 27.94 20.38 2.15
CA LEU B 311 28.83 19.90 3.19
C LEU B 311 29.63 21.01 3.86
N GLY B 312 29.21 22.25 3.72
CA GLY B 312 29.88 23.32 4.45
C GLY B 312 29.77 23.13 5.96
N THR B 313 30.76 23.67 6.65
CA THR B 313 30.74 23.63 8.11
C THR B 313 29.58 24.48 8.62
N GLY B 314 28.99 24.06 9.73
CA GLY B 314 27.83 24.73 10.28
C GLY B 314 28.06 26.18 10.68
N ILE B 315 27.25 27.09 10.15
CA ILE B 315 27.27 28.50 10.55
C ILE B 315 25.87 28.90 10.97
N SER B 316 25.79 30.06 11.61
CA SER B 316 24.50 30.61 11.95
C SER B 316 23.81 31.09 10.67
N SER B 317 22.52 30.81 10.55
CA SER B 317 21.74 31.40 9.48
C SER B 317 21.25 32.75 9.93
N GLY B 318 20.85 33.57 8.98
CA GLY B 318 20.33 34.84 9.46
C GLY B 318 18.91 34.79 9.97
N VAL B 319 18.30 33.61 9.94
CA VAL B 319 16.85 33.48 10.14
C VAL B 319 16.48 33.74 11.60
N ASN B 320 15.59 34.70 11.81
CA ASN B 320 15.01 35.00 13.10
C ASN B 320 13.57 34.48 13.16
N ASP B 321 13.07 34.34 14.38
CA ASP B 321 11.72 33.85 14.63
C ASP B 321 11.54 32.41 14.12
N THR B 322 12.47 31.54 14.49
CA THR B 322 12.35 30.14 14.12
C THR B 322 12.52 29.24 15.34
N SER B 323 11.77 28.14 15.36
CA SER B 323 11.84 27.18 16.45
C SER B 323 12.81 26.03 16.19
N LEU B 324 13.51 26.03 15.07
CA LEU B 324 14.33 24.89 14.64
C LEU B 324 15.82 25.16 14.70
N LEU B 325 16.58 24.20 15.24
CA LEU B 325 18.03 24.30 15.14
C LEU B 325 18.57 23.95 13.76
N TYR B 326 17.97 23.00 13.06
CA TYR B 326 18.49 22.54 11.78
C TYR B 326 17.43 22.70 10.72
N ASN B 327 17.89 22.88 9.48
CA ASN B 327 16.97 22.90 8.36
C ASN B 327 16.28 21.56 8.22
N GLU B 328 15.09 21.57 7.66
CA GLU B 328 14.36 20.36 7.32
C GLU B 328 13.83 20.51 5.90
N TYR B 329 13.87 19.42 5.14
CA TYR B 329 13.37 19.38 3.79
C TYR B 329 12.32 18.28 3.69
N ILE B 330 11.16 18.60 3.12
CA ILE B 330 10.02 17.69 3.06
C ILE B 330 9.48 17.64 1.64
N VAL B 331 9.28 16.43 1.11
CA VAL B 331 8.60 16.24 -0.17
C VAL B 331 7.39 15.36 0.09
N TYR B 332 6.37 15.55 -0.75
CA TYR B 332 5.06 14.95 -0.51
C TYR B 332 4.69 13.97 -1.59
N ASP B 333 5.68 13.50 -2.35
CA ASP B 333 5.52 12.50 -3.39
C ASP B 333 6.71 11.57 -3.27
N ILE B 334 6.44 10.27 -3.03
CA ILE B 334 7.51 9.33 -2.78
C ILE B 334 8.47 9.22 -3.96
N ALA B 335 8.04 9.62 -5.16
CA ALA B 335 8.87 9.53 -6.34
C ALA B 335 9.88 10.65 -6.45
N GLN B 336 9.84 11.64 -5.54
CA GLN B 336 10.78 12.74 -5.55
C GLN B 336 12.11 12.38 -4.88
N VAL B 337 12.30 11.12 -4.47
CA VAL B 337 13.43 10.67 -3.68
C VAL B 337 14.14 9.55 -4.43
N ASN B 338 15.47 9.64 -4.54
CA ASN B 338 16.29 8.55 -5.08
C ASN B 338 17.40 8.25 -4.07
N LEU B 339 17.27 7.15 -3.32
CA LEU B 339 18.27 6.78 -2.34
C LEU B 339 19.60 6.46 -3.03
N LYS B 340 20.70 6.98 -2.49
CA LYS B 340 22.01 6.86 -3.12
C LYS B 340 23.01 6.11 -2.25
N TYR B 341 23.10 6.42 -0.96
CA TYR B 341 24.06 5.74 -0.12
C TYR B 341 23.43 5.32 1.19
N LEU B 342 23.99 4.26 1.76
CA LEU B 342 23.68 3.81 3.11
C LEU B 342 24.99 3.80 3.88
N LEU B 343 25.02 4.47 5.03
CA LEU B 343 26.21 4.53 5.88
C LEU B 343 25.99 3.73 7.16
N LYS B 344 27.01 2.99 7.52
CA LYS B 344 27.12 2.36 8.83
C LYS B 344 27.99 3.28 9.68
N LEU B 345 27.38 3.88 10.70
CA LEU B 345 28.04 4.87 11.55
C LEU B 345 28.28 4.35 12.95
N LYS B 346 29.48 4.62 13.46
CA LYS B 346 29.82 4.39 14.85
C LYS B 346 29.59 5.66 15.64
N PHE B 347 28.80 5.58 16.71
CA PHE B 347 28.57 6.69 17.63
C PHE B 347 29.58 6.56 18.77
N ASN B 348 30.52 7.51 18.86
CA ASN B 348 31.55 7.54 19.89
C ASN B 348 31.05 8.47 20.98
N PHE B 349 30.33 7.91 21.94
CA PHE B 349 29.76 8.71 23.02
C PHE B 349 30.84 9.25 23.95
N LYS B 350 30.75 10.55 24.25
CA LYS B 350 31.62 11.23 25.20
C LYS B 350 31.07 12.63 25.41
N THR B 351 31.11 13.10 26.65
CA THR B 351 30.68 14.45 26.97
C THR B 351 31.75 15.45 26.55
N ALA B 352 31.31 16.69 26.31
CA ALA B 352 32.17 17.84 26.08
C ALA B 352 31.37 19.10 26.43
N HIS B 353 31.95 20.01 27.21
CA HIS B 353 31.14 21.17 27.57
C HIS B 353 31.06 22.19 26.43
N HIS B 354 30.01 23.01 26.48
CA HIS B 354 29.77 24.03 25.46
C HIS B 354 30.70 25.23 25.67
N HIS B 355 31.41 25.62 24.62
CA HIS B 355 32.29 26.77 24.66
C HIS B 355 31.56 27.98 24.08
N HIS B 356 32.01 29.17 24.47
CA HIS B 356 31.41 30.42 24.01
C HIS B 356 32.49 31.34 23.45
N HIS B 357 32.10 32.57 23.12
CA HIS B 357 32.89 33.58 22.39
C HIS B 357 32.84 33.30 20.88
CAA EZ2 C . -13.24 -0.75 -13.09
CAD EZ2 C . -19.75 -2.58 -12.99
CAE EZ2 C . -20.74 -3.29 -12.30
CAF EZ2 C . -6.10 -2.56 -9.02
CAG EZ2 C . -10.98 -2.45 -11.91
CAH EZ2 C . -11.85 -1.41 -9.92
CAI EZ2 C . -9.75 -2.59 -11.32
CAJ EZ2 C . -10.61 -1.56 -9.32
CAK EZ2 C . -18.43 -3.07 -13.05
CAL EZ2 C . -20.41 -4.48 -11.64
CAM EZ2 C . -7.07 -2.35 -10.00
CAN EZ2 C . -8.06 -2.50 -8.10
CAO EZ2 C . -14.07 -5.57 -12.46
CAP EZ2 C . -15.12 -6.49 -11.84
CAU EZ2 C . -13.89 -4.25 -11.70
CAV EZ2 C . -12.04 -1.85 -11.23
CAW EZ2 C . -9.55 -2.13 -10.01
CAX EZ2 C . -16.54 -5.92 -11.79
CAY EZ2 C . -18.70 -6.20 -11.04
CAZ EZ2 C . -18.11 -4.28 -12.39
CBA EZ2 C . -19.07 -4.98 -11.70
CBB EZ2 C . -13.39 -1.72 -11.91
NAQ EZ2 C . -6.75 -2.65 -7.87
NAR EZ2 C . -16.84 -4.78 -12.43
NAS EZ2 C . -13.61 -3.05 -12.49
NAT EZ2 C . -17.45 -6.62 -11.11
NBC EZ2 C . -8.26 -2.31 -9.39
OAB EZ2 C . -14.01 -4.20 -10.52
OAC EZ2 C . -19.63 -6.96 -10.35
S SO4 D . 7.34 -5.97 -4.46
O1 SO4 D . 8.67 -6.51 -4.27
O2 SO4 D . 6.47 -7.08 -4.82
O3 SO4 D . 6.90 -5.36 -3.22
O4 SO4 D . 7.32 -4.94 -5.50
S SO4 E . -13.72 -10.94 -18.82
O1 SO4 E . -12.41 -10.48 -18.37
O2 SO4 E . -13.79 -12.38 -18.66
O3 SO4 E . -14.77 -10.31 -18.02
O4 SO4 E . -13.97 -10.62 -20.21
S SO4 F . -34.99 -21.71 -28.18
O1 SO4 F . -33.93 -22.62 -27.79
O2 SO4 F . -34.62 -20.93 -29.35
O3 SO4 F . -35.27 -20.79 -27.09
O4 SO4 F . -36.15 -22.51 -28.53
S SO4 G . -24.12 -2.94 -19.49
O1 SO4 G . -22.70 -2.69 -19.23
O2 SO4 G . -24.29 -4.31 -19.98
O3 SO4 G . -24.86 -2.79 -18.23
O4 SO4 G . -24.61 -2.02 -20.51
CAA EZ2 H . 7.70 12.96 10.42
CAD EZ2 H . 13.59 16.00 10.11
CAE EZ2 H . 14.87 15.94 9.53
CAF EZ2 H . 4.02 5.55 8.35
CAG EZ2 H . 7.36 9.74 10.24
CAH EZ2 H . 7.33 10.47 7.96
CAI EZ2 H . 6.63 8.61 9.91
CAJ EZ2 H . 6.57 9.34 7.63
CAK EZ2 H . 12.95 14.83 10.53
CAL EZ2 H . 15.50 14.69 9.39
CAM EZ2 H . 4.47 6.69 9.01
CAN EZ2 H . 5.63 6.44 7.23
CAO EZ2 H . 11.51 10.07 11.56
CAP EZ2 H . 12.96 9.94 11.09
CAU EZ2 H . 10.61 10.52 10.39
CAV EZ2 H . 7.72 10.68 9.28
CAW EZ2 H . 6.22 8.40 8.60
CAX EZ2 H . 13.60 11.23 10.62
CAY EZ2 H . 15.46 12.22 9.70
CAZ EZ2 H . 13.60 13.56 10.38
CBA EZ2 H . 14.84 13.50 9.82
CBB EZ2 H . 8.55 11.90 9.70
NAQ EZ2 H . 4.76 5.41 7.26
NAR EZ2 H . 12.99 12.40 10.78
NAS EZ2 H . 9.50 11.42 10.69
NAT EZ2 H . 14.82 11.13 10.09
NBC EZ2 H . 5.45 7.21 8.29
OAB EZ2 H . 10.82 10.16 9.27
OAC EZ2 H . 16.73 12.10 9.17
S SO4 I . -2.14 -7.88 6.70
O1 SO4 I . -0.78 -7.82 7.24
O2 SO4 I . -2.62 -9.25 6.86
O3 SO4 I . -3.03 -7.03 7.47
O4 SO4 I . -2.13 -7.45 5.32
S SO4 J . 15.72 20.72 15.80
O1 SO4 J . 16.72 20.28 16.76
O2 SO4 J . 16.35 21.12 14.55
O3 SO4 J . 15.01 21.84 16.41
O4 SO4 J . 14.79 19.63 15.52
#